data_1TMF
#
_entry.id   1TMF
#
_cell.length_a   331.860
_cell.length_b   331.860
_cell.length_c   796.260
_cell.angle_alpha   90.00
_cell.angle_beta   90.00
_cell.angle_gamma   90.00
#
_symmetry.space_group_name_H-M   'P 43 2 2'
#
loop_
_entity.id
_entity.type
_entity.pdbx_description
1 polymer "THEILER'S MURINE ENCEPHALOMYELITIS VIRUS (SUBUNIT VP1)"
2 polymer "THEILER'S MURINE ENCEPHALOMYELITIS VIRUS (SUBUNIT VP2)"
3 polymer "THEILER'S MURINE ENCEPHALOMYELITIS VIRUS (SUBUNIT VP3)"
4 polymer "THEILER'S MURINE ENCEPHALOMYELITIS VIRUS (SUBUNIT VP4)"
#
loop_
_entity_poly.entity_id
_entity_poly.type
_entity_poly.pdbx_seq_one_letter_code
_entity_poly.pdbx_strand_id
1 'polypeptide(L)'
;GVDNAEKGKVSNDDASVDFVAEPVKLPENQTRVAFFYDRAVPIGMLRPGQNMETTFNYQENDYRLNCLLLTPLPSFCPDS
SSGPQKTKAPVQWRWVRSGGVNGANFPLMTKQDYAFLCFSPFTFYKCDLEVTVSALGTDTVASVLRWAPTGAPADVTDQL
IGYTPSLGETRNPHMWLVGAGNSQVSFVVPYNSPLSVLPAAWFNGWSDFGNTKDFGVAPNADFGRLWIQGNTSASVRIRY
KKMKVFCPRPTLFFPWPTPTTTKINADNPVPILELE
;
1
2 'polypeptide(L)'
;DQNTEEMENLSDRVASDKAGNSATNTQSTVGRLCGYGKSHHGEHPASCADTATDKVLAAERYYTIDLASWTTSQEAFSHI
RIPLPHVLAGEDGGVFGATLRRHYLCKTGWRVQVQCNASQFHAGSLLVFMAPEFYTGKGTKTGTMEPSDPFTMDTEWRSP
QGAPTGYRYDSRTGFFATNHQNQWQWTVYPHQILNLRTNTTVDLEVPYVNVAPSSSWTQHANWTLVVAVLSPLQYATGSS
PDVQITASLQPVNPVFNGLRHETVIAQ
;
2
3 'polypeptide(L)'
;SPIPVTVREHKGCFYSTNPDTTVPIYGKTISTPSDYMCGEFSDLLELCKLPTFLGNPNTNNKRYPYFSATNSVPATSMVD
YQVALSCSCMANSMLAAVARNFNQYRGSLNFLFVFTGAAMVKGKFLIAYTPPGAGKPTTRDQAMQSTYAIWDLGLNSSFN
FTAPFISPTHYRQTSYTSPTITSVDGWVTVWQLTPLTYPSGTPTNSDILTLVSAGDDFTLRMPISPTKWVPQ
;
3
4 'polypeptide(L)' NESGNEGVIINNFYSNQYQNSIDLSASGGNAGDAPQTNGQLSNLL 4
#
# COMPACT_ATOMS: atom_id res chain seq x y z
N GLY A 1 12.82 35.91 -22.68
CA GLY A 1 11.97 34.72 -22.48
C GLY A 1 10.58 35.11 -21.91
N VAL A 2 9.64 35.43 -22.83
CA VAL A 2 8.20 35.68 -22.51
C VAL A 2 7.47 34.32 -22.59
N ASP A 3 7.08 33.86 -21.52
CA ASP A 3 6.45 32.55 -21.39
C ASP A 3 5.19 32.63 -20.54
N ASN A 4 4.05 32.69 -21.18
CA ASN A 4 2.82 32.61 -20.39
C ASN A 4 2.97 31.25 -19.68
N ALA A 5 2.87 31.28 -18.27
CA ALA A 5 3.43 30.17 -17.49
C ALA A 5 2.31 29.46 -16.69
N GLU A 6 1.09 29.65 -17.10
CA GLU A 6 -0.07 29.05 -16.40
C GLU A 6 -0.44 27.71 -17.02
N LYS A 7 0.46 27.07 -17.53
CA LYS A 7 0.25 25.95 -18.46
C LYS A 7 1.04 24.73 -17.99
N GLY A 8 1.66 24.96 -16.89
CA GLY A 8 2.45 24.03 -16.07
C GLY A 8 3.82 23.80 -16.70
N LYS A 9 3.90 24.14 -17.97
CA LYS A 9 5.15 23.94 -18.73
C LYS A 9 5.96 25.21 -18.91
N VAL A 10 6.92 25.31 -18.19
CA VAL A 10 8.06 26.20 -18.42
C VAL A 10 8.88 25.70 -19.61
N SER A 11 9.57 26.61 -20.25
CA SER A 11 10.52 26.38 -21.34
C SER A 11 11.91 26.75 -20.87
N ASN A 12 12.47 25.69 -20.38
CA ASN A 12 13.77 25.62 -19.76
C ASN A 12 14.86 26.10 -20.71
N ASP A 13 15.57 26.85 -20.18
CA ASP A 13 16.37 27.72 -21.04
C ASP A 13 17.88 27.50 -20.82
N ASP A 14 18.63 28.22 -21.64
CA ASP A 14 20.12 28.21 -21.69
C ASP A 14 20.59 29.66 -21.53
N ALA A 15 21.15 30.11 -22.37
CA ALA A 15 21.52 31.54 -22.36
C ALA A 15 21.75 32.00 -23.78
N SER A 16 21.88 31.06 -24.63
CA SER A 16 22.05 31.40 -26.00
C SER A 16 20.69 31.71 -26.53
N VAL A 17 19.81 31.74 -25.54
CA VAL A 17 18.38 32.00 -25.75
C VAL A 17 17.86 33.05 -24.80
N ASP A 18 18.06 34.16 -25.29
CA ASP A 18 17.73 35.41 -24.77
C ASP A 18 18.96 36.28 -24.85
N PHE A 19 19.97 35.88 -24.14
CA PHE A 19 21.20 36.65 -24.18
C PHE A 19 22.19 35.98 -25.15
N VAL A 20 23.34 36.68 -25.56
CA VAL A 20 24.34 36.17 -26.62
C VAL A 20 25.38 35.23 -26.09
N ALA A 21 25.28 34.01 -26.35
CA ALA A 21 26.08 33.19 -25.34
C ALA A 21 26.26 31.68 -25.74
N GLU A 22 27.16 30.88 -24.84
CA GLU A 22 26.85 29.57 -25.43
C GLU A 22 26.80 28.48 -24.38
N PRO A 23 25.94 27.43 -24.00
CA PRO A 23 25.55 26.45 -22.94
C PRO A 23 26.74 25.71 -22.53
N VAL A 24 27.00 25.73 -21.29
CA VAL A 24 28.13 24.99 -20.85
C VAL A 24 27.58 23.58 -20.45
N LYS A 25 27.46 22.54 -21.42
CA LYS A 25 27.18 21.21 -20.92
C LYS A 25 28.46 20.37 -20.84
N LEU A 26 28.20 19.63 -19.44
CA LEU A 26 29.33 18.68 -19.42
C LEU A 26 28.93 17.37 -18.74
N PRO A 27 28.75 15.75 -18.84
CA PRO A 27 28.13 14.48 -18.29
C PRO A 27 28.19 14.22 -16.82
N GLU A 28 27.22 14.10 -16.52
CA GLU A 28 27.16 13.70 -15.12
C GLU A 28 26.40 12.44 -15.06
N ASN A 29 26.41 11.32 -14.61
CA ASN A 29 25.91 10.12 -14.62
C ASN A 29 25.82 9.65 -13.16
N GLN A 30 25.91 10.76 -12.28
CA GLN A 30 25.88 10.70 -10.78
C GLN A 30 24.56 11.25 -10.20
N THR A 31 23.74 11.81 -11.05
CA THR A 31 22.44 12.28 -10.57
C THR A 31 21.35 11.26 -10.95
N ARG A 32 21.81 10.06 -10.49
CA ARG A 32 20.87 9.04 -11.12
C ARG A 32 20.21 8.00 -10.08
N VAL A 33 19.01 8.06 -10.02
CA VAL A 33 18.21 7.88 -8.79
C VAL A 33 18.79 6.74 -7.93
N ALA A 34 19.34 5.71 -8.55
CA ALA A 34 19.87 4.62 -7.73
C ALA A 34 21.41 4.69 -7.58
N PHE A 35 22.04 5.82 -7.92
CA PHE A 35 23.49 6.00 -7.63
C PHE A 35 23.55 6.64 -6.27
N PHE A 36 22.42 7.27 -6.06
CA PHE A 36 22.10 8.09 -4.90
C PHE A 36 21.60 7.21 -3.72
N TYR A 37 20.36 6.75 -3.76
CA TYR A 37 19.86 6.00 -2.58
C TYR A 37 20.50 4.57 -2.48
N ASP A 38 21.46 4.28 -3.40
CA ASP A 38 22.18 2.95 -3.46
C ASP A 38 23.41 2.92 -2.53
N ARG A 39 23.61 3.99 -1.80
CA ARG A 39 24.65 4.16 -0.78
C ARG A 39 24.07 3.96 0.58
N ALA A 40 24.80 3.21 1.29
CA ALA A 40 24.41 2.83 2.60
C ALA A 40 24.16 3.98 3.45
N VAL A 41 23.77 3.39 4.56
CA VAL A 41 23.21 4.49 5.34
C VAL A 41 22.44 3.96 6.66
N PRO A 42 22.68 4.47 7.93
CA PRO A 42 21.99 4.06 9.17
C PRO A 42 20.54 4.33 9.31
N ILE A 43 20.16 3.59 10.34
CA ILE A 43 18.87 3.57 10.89
C ILE A 43 18.85 3.21 12.49
N GLY A 44 19.77 2.41 13.15
CA GLY A 44 19.65 2.12 14.69
C GLY A 44 20.64 1.02 15.07
N MET A 45 20.30 0.57 16.30
CA MET A 45 20.87 -0.47 17.20
C MET A 45 20.08 -1.77 17.26
N LEU A 46 20.71 -2.59 17.95
CA LEU A 46 20.15 -3.70 18.58
C LEU A 46 21.03 -3.94 19.61
N ARG A 47 20.37 -3.52 20.65
CA ARG A 47 21.02 -4.34 21.68
C ARG A 47 19.96 -5.33 22.26
N PRO A 48 20.53 -6.51 22.44
CA PRO A 48 19.92 -7.83 22.77
C PRO A 48 19.22 -7.92 24.04
N GLY A 49 19.14 -9.12 24.57
CA GLY A 49 18.45 -9.18 25.81
C GLY A 49 18.24 -10.53 26.34
N GLN A 50 18.71 -11.46 25.69
CA GLN A 50 18.50 -12.74 26.24
C GLN A 50 19.45 -13.70 25.58
N ASN A 51 20.55 -13.70 26.28
CA ASN A 51 21.70 -14.64 26.22
C ASN A 51 21.78 -15.66 25.11
N MET A 52 22.95 -16.20 24.94
CA MET A 52 23.03 -17.34 24.10
C MET A 52 22.25 -18.38 24.83
N GLU A 53 21.39 -18.91 24.07
CA GLU A 53 20.51 -19.88 24.57
C GLU A 53 19.33 -19.16 25.12
N THR A 54 18.45 -19.94 25.62
CA THR A 54 17.32 -19.41 26.31
C THR A 54 16.21 -18.92 25.34
N THR A 55 15.47 -17.85 25.64
CA THR A 55 14.19 -17.55 24.89
C THR A 55 14.08 -16.05 24.49
N PHE A 56 13.06 -15.53 23.80
CA PHE A 56 13.09 -14.05 23.27
C PHE A 56 12.01 -13.23 23.97
N ASN A 57 12.14 -11.81 24.07
CA ASN A 57 10.79 -11.36 24.49
C ASN A 57 10.87 -9.84 24.54
N TYR A 58 11.74 -8.85 23.81
CA TYR A 58 11.60 -7.47 23.32
C TYR A 58 11.84 -6.47 24.49
N GLN A 59 13.15 -6.15 24.76
CA GLN A 59 13.57 -5.26 25.91
C GLN A 59 13.85 -3.75 25.52
N GLU A 60 13.55 -2.97 26.60
CA GLU A 60 13.39 -1.48 26.83
C GLU A 60 14.65 -0.54 26.96
N ASN A 61 15.74 -1.09 27.46
CA ASN A 61 17.05 -0.40 27.67
C ASN A 61 16.93 1.14 27.89
N ASP A 62 17.28 1.85 26.96
CA ASP A 62 17.29 3.30 26.69
C ASP A 62 16.82 3.54 25.27
N TYR A 63 16.11 2.53 24.82
CA TYR A 63 15.48 2.54 23.52
C TYR A 63 16.14 1.54 22.50
N ARG A 64 17.45 1.23 22.62
CA ARG A 64 18.14 0.30 21.65
C ARG A 64 17.62 -1.15 21.84
N LEU A 65 16.49 -1.32 21.10
CA LEU A 65 15.62 -2.54 20.96
C LEU A 65 16.45 -3.74 20.51
N ASN A 66 16.02 -4.92 20.68
CA ASN A 66 15.97 -6.38 20.53
C ASN A 66 15.72 -6.73 19.04
N CYS A 67 14.81 -5.99 17.90
CA CYS A 67 14.38 -6.06 16.46
C CYS A 67 14.74 -4.79 15.62
N LEU A 68 14.48 -5.04 14.33
CA LEU A 68 14.33 -3.76 13.61
C LEU A 68 13.33 -3.92 12.30
N LEU A 69 12.18 -3.12 12.18
CA LEU A 69 11.13 -3.11 10.99
C LEU A 69 11.74 -2.53 9.81
N LEU A 70 12.37 -3.25 9.31
CA LEU A 70 13.35 -2.84 8.30
C LEU A 70 12.68 -1.92 7.16
N THR A 71 12.11 -0.73 7.50
CA THR A 71 11.55 0.28 6.49
C THR A 71 12.15 1.68 6.85
N PRO A 72 12.83 2.60 6.08
CA PRO A 72 13.35 3.79 6.73
C PRO A 72 12.37 4.71 7.18
N LEU A 73 11.30 4.27 7.52
CA LEU A 73 10.58 5.26 8.02
C LEU A 73 10.31 4.93 9.53
N PRO A 74 9.61 5.80 10.34
CA PRO A 74 9.46 5.61 11.80
C PRO A 74 9.05 4.24 12.15
N SER A 75 9.77 3.82 13.18
CA SER A 75 9.66 2.49 13.73
C SER A 75 9.88 2.40 15.27
N PHE A 76 8.72 2.77 16.54
CA PHE A 76 9.47 2.53 17.79
C PHE A 76 8.48 2.11 18.92
N CYS A 77 8.12 0.81 18.95
CA CYS A 77 7.20 0.26 20.02
C CYS A 77 5.80 0.91 19.92
N PRO A 78 4.66 0.22 19.68
CA PRO A 78 3.36 0.95 19.58
C PRO A 78 2.86 1.70 20.84
N ASP A 79 2.70 3.02 20.52
CA ASP A 79 2.23 4.15 21.37
C ASP A 79 0.70 4.26 21.34
N SER A 80 0.34 4.01 22.64
CA SER A 80 -1.08 4.07 23.08
C SER A 80 -1.23 5.05 24.25
N SER A 81 -2.50 5.25 24.71
CA SER A 81 -2.89 6.35 25.62
C SER A 81 -2.13 6.31 26.94
N SER A 82 -0.73 6.58 26.94
CA SER A 82 0.17 5.71 27.71
C SER A 82 1.58 5.72 27.09
N GLY A 83 2.33 4.68 27.40
CA GLY A 83 3.69 4.40 26.84
C GLY A 83 3.44 3.24 25.88
N PRO A 84 3.87 3.24 24.60
CA PRO A 84 3.32 2.29 23.61
C PRO A 84 3.39 0.84 23.95
N GLN A 85 3.63 0.16 24.98
CA GLN A 85 4.51 -1.00 24.85
C GLN A 85 3.86 -2.26 25.46
N LYS A 86 5.34 -2.86 25.39
CA LYS A 86 5.72 -4.14 26.02
C LYS A 86 6.47 -4.89 24.88
N THR A 87 6.96 -6.07 25.36
CA THR A 87 6.48 -7.49 25.14
C THR A 87 6.10 -7.52 23.61
N LYS A 88 4.81 -7.27 23.21
CA LYS A 88 4.59 -6.54 21.91
C LYS A 88 5.60 -5.53 21.32
N ALA A 89 6.20 -5.94 20.24
CA ALA A 89 6.63 -5.69 18.86
C ALA A 89 6.74 -4.20 18.59
N PRO A 90 7.61 -3.72 17.70
CA PRO A 90 7.46 -2.36 17.28
C PRO A 90 6.28 -2.31 16.36
N VAL A 91 6.57 -1.58 15.30
CA VAL A 91 5.75 -1.31 14.12
C VAL A 91 5.70 0.21 13.89
N GLN A 92 5.48 0.54 12.60
CA GLN A 92 5.65 1.90 12.02
C GLN A 92 4.54 2.93 12.22
N TRP A 93 5.05 3.84 12.99
CA TRP A 93 4.44 4.96 13.73
C TRP A 93 3.80 6.20 13.01
N ARG A 94 4.51 7.09 12.32
CA ARG A 94 3.75 8.29 11.79
C ARG A 94 4.00 9.57 12.65
N TRP A 95 5.16 10.19 12.60
CA TRP A 95 5.37 11.44 13.40
C TRP A 95 6.55 11.29 14.37
N VAL A 96 7.98 11.91 14.02
CA VAL A 96 9.12 11.13 14.59
C VAL A 96 9.55 11.87 15.86
N ARG A 97 9.92 11.09 16.86
CA ARG A 97 9.46 11.43 18.14
C ARG A 97 10.74 11.39 18.87
N SER A 98 11.51 12.25 19.70
CA SER A 98 12.14 12.91 20.72
C SER A 98 13.42 12.24 20.98
N GLY A 99 14.05 13.03 21.75
CA GLY A 99 15.37 12.89 22.28
C GLY A 99 15.24 13.20 23.78
N GLY A 100 14.18 12.56 24.44
CA GLY A 100 14.37 11.56 25.64
C GLY A 100 14.97 12.20 27.03
N VAL A 101 15.38 13.58 27.21
CA VAL A 101 16.33 14.61 27.63
C VAL A 101 15.73 15.47 28.75
N ASN A 102 16.53 16.47 29.07
CA ASN A 102 16.19 17.54 30.02
C ASN A 102 15.71 18.73 29.17
N GLY A 103 15.61 18.41 27.88
CA GLY A 103 15.25 19.30 26.73
C GLY A 103 15.94 18.68 25.50
N ALA A 104 15.45 18.88 24.25
CA ALA A 104 16.09 18.10 23.15
C ALA A 104 16.31 18.78 21.77
N ASN A 105 16.08 17.87 20.79
CA ASN A 105 16.27 18.02 19.33
C ASN A 105 17.71 18.45 19.04
N PHE A 106 17.73 16.53 18.64
CA PHE A 106 18.85 15.78 18.00
C PHE A 106 19.19 14.54 18.80
N PRO A 107 19.23 14.39 20.05
CA PRO A 107 19.12 13.02 20.39
C PRO A 107 18.29 12.44 19.16
N LEU A 108 17.21 11.51 18.49
CA LEU A 108 15.91 11.03 18.01
C LEU A 108 15.64 9.60 18.55
N MET A 109 14.58 9.53 19.37
CA MET A 109 14.13 8.28 20.07
C MET A 109 13.18 7.41 19.23
N THR A 110 13.11 7.66 17.91
CA THR A 110 12.21 6.86 17.05
C THR A 110 12.88 6.31 15.78
N LYS A 111 14.05 5.72 15.92
CA LYS A 111 14.71 5.07 14.78
C LYS A 111 14.13 5.61 13.47
N GLN A 112 15.04 6.12 12.55
CA GLN A 112 14.71 6.48 11.13
C GLN A 112 15.95 6.34 10.19
N ASP A 113 15.69 6.68 8.94
CA ASP A 113 16.56 7.16 7.85
C ASP A 113 16.33 8.65 7.64
N TYR A 114 17.01 9.40 8.47
CA TYR A 114 16.94 10.85 8.52
C TYR A 114 17.14 11.46 7.12
N ALA A 115 18.07 10.79 6.37
CA ALA A 115 18.43 11.40 5.08
C ALA A 115 17.37 11.06 4.03
N PHE A 116 16.59 10.02 4.28
CA PHE A 116 15.55 9.65 3.33
C PHE A 116 14.20 10.32 3.73
N LEU A 117 14.07 10.88 4.96
CA LEU A 117 12.84 11.68 5.25
C LEU A 117 13.11 13.12 4.88
N CYS A 118 14.53 13.20 4.51
CA CYS A 118 14.76 14.55 3.98
C CYS A 118 14.64 14.53 2.45
N PHE A 119 15.18 13.52 1.78
CA PHE A 119 15.08 13.51 0.31
C PHE A 119 14.00 12.59 -0.21
N SER A 120 12.80 12.68 0.27
CA SER A 120 11.82 11.74 -0.24
C SER A 120 11.07 12.26 -1.54
N PRO A 121 11.52 13.08 -2.57
CA PRO A 121 10.62 13.34 -3.71
C PRO A 121 10.27 12.13 -4.54
N PHE A 122 9.18 11.54 -4.15
CA PHE A 122 8.62 10.45 -4.92
C PHE A 122 7.74 9.56 -4.08
N THR A 123 6.64 9.94 -4.56
CA THR A 123 5.48 9.48 -3.79
C THR A 123 5.54 7.88 -3.65
N PHE A 124 5.93 7.06 -4.69
CA PHE A 124 6.09 5.55 -4.46
C PHE A 124 7.56 5.03 -4.88
N TYR A 125 8.11 3.95 -4.14
CA TYR A 125 9.48 3.26 -4.44
C TYR A 125 9.37 1.70 -4.59
N LYS A 126 10.35 1.23 -5.44
CA LYS A 126 10.74 -0.22 -5.76
C LYS A 126 12.22 -0.27 -5.43
N CYS A 127 12.54 -1.05 -4.44
CA CYS A 127 13.92 -1.16 -3.99
C CYS A 127 14.24 -2.66 -3.58
N ASP A 128 15.52 -3.21 -3.49
CA ASP A 128 16.23 -4.40 -2.99
C ASP A 128 17.28 -3.94 -1.86
N LEU A 129 16.98 -4.24 -0.51
CA LEU A 129 17.78 -3.73 0.75
C LEU A 129 18.90 -4.69 1.36
N GLU A 130 20.16 -4.15 1.35
CA GLU A 130 21.42 -4.80 1.86
C GLU A 130 21.70 -4.32 3.26
N VAL A 131 21.30 -5.15 4.14
CA VAL A 131 21.40 -4.92 5.55
C VAL A 131 22.82 -5.22 6.02
N THR A 132 23.44 -4.17 6.54
CA THR A 132 24.79 -4.27 7.15
C THR A 132 24.70 -3.99 8.68
N VAL A 133 24.40 -5.04 9.50
CA VAL A 133 24.47 -5.20 10.97
C VAL A 133 25.95 -5.20 11.41
N SER A 134 26.35 -4.03 11.91
CA SER A 134 27.76 -3.74 12.35
C SER A 134 27.89 -3.59 13.91
N ALA A 135 28.65 -4.55 14.43
CA ALA A 135 29.08 -4.83 15.86
C ALA A 135 28.67 -3.83 17.02
N LEU A 136 29.53 -2.85 17.31
CA LEU A 136 29.33 -1.87 18.44
C LEU A 136 30.19 -2.25 19.66
N GLY A 137 31.20 -3.09 19.47
CA GLY A 137 31.94 -3.58 20.63
C GLY A 137 33.42 -3.90 20.43
N THR A 138 33.92 -4.30 21.60
CA THR A 138 35.31 -4.66 21.89
C THR A 138 35.42 -6.10 22.42
N ASP A 139 34.39 -6.67 23.02
CA ASP A 139 34.36 -8.07 23.45
C ASP A 139 34.33 -9.00 22.23
N THR A 140 34.29 -10.29 22.50
CA THR A 140 34.17 -11.34 21.48
C THR A 140 32.67 -11.59 21.30
N VAL A 141 32.21 -11.64 20.06
CA VAL A 141 30.75 -11.67 19.85
C VAL A 141 30.11 -13.01 19.43
N ALA A 142 28.91 -13.05 20.06
CA ALA A 142 27.79 -13.98 19.90
C ALA A 142 26.92 -13.29 18.81
N SER A 143 25.68 -13.84 18.53
CA SER A 143 24.76 -13.26 17.55
C SER A 143 24.00 -14.38 16.81
N VAL A 144 22.72 -14.11 16.63
CA VAL A 144 21.80 -14.91 15.80
C VAL A 144 20.82 -13.92 15.27
N LEU A 145 20.46 -14.06 14.04
CA LEU A 145 19.60 -13.06 13.44
C LEU A 145 18.46 -13.69 12.59
N ARG A 146 17.19 -13.55 13.02
CA ARG A 146 16.03 -14.01 12.15
C ARG A 146 15.47 -12.76 11.45
N TRP A 147 15.39 -12.87 10.14
CA TRP A 147 14.82 -11.83 9.27
C TRP A 147 13.56 -12.43 8.69
N ALA A 148 12.48 -11.94 9.21
CA ALA A 148 11.14 -12.39 8.86
C ALA A 148 10.55 -11.49 7.78
N PRO A 149 10.37 -11.95 6.53
CA PRO A 149 9.77 -11.09 5.54
C PRO A 149 8.38 -10.72 5.98
N THR A 150 8.00 -9.37 5.93
CA THR A 150 7.15 -8.47 6.71
C THR A 150 5.73 -9.07 6.83
N GLY A 151 5.32 -9.76 5.77
CA GLY A 151 3.97 -10.40 5.69
C GLY A 151 4.02 -11.86 6.22
N ALA A 152 4.86 -12.04 7.22
CA ALA A 152 5.07 -13.32 7.92
C ALA A 152 4.99 -13.07 9.45
N PRO A 153 4.54 -13.98 10.41
CA PRO A 153 4.57 -13.65 11.81
C PRO A 153 5.92 -13.20 12.08
N ALA A 154 5.79 -12.13 12.39
CA ALA A 154 6.97 -11.38 12.83
C ALA A 154 7.62 -12.05 14.04
N ASP A 155 6.90 -13.00 14.60
CA ASP A 155 7.37 -13.61 15.83
C ASP A 155 7.11 -15.09 16.05
N VAL A 156 8.14 -15.58 16.68
CA VAL A 156 8.25 -16.89 17.31
C VAL A 156 9.02 -16.68 18.59
N THR A 157 8.47 -15.99 19.36
CA THR A 157 8.68 -15.63 20.77
C THR A 157 8.32 -16.85 21.65
N ASP A 158 8.07 -17.96 20.95
CA ASP A 158 7.70 -19.26 21.54
C ASP A 158 8.99 -20.15 21.64
N GLN A 159 8.90 -21.28 22.67
CA GLN A 159 10.06 -21.47 23.56
C GLN A 159 10.93 -22.67 23.15
N LEU A 160 12.05 -22.78 23.27
CA LEU A 160 13.48 -23.13 23.11
C LEU A 160 13.64 -24.51 22.37
N ILE A 161 12.88 -25.55 22.72
CA ILE A 161 13.10 -26.90 22.11
C ILE A 161 14.64 -27.16 22.01
N GLY A 162 15.15 -27.52 23.23
CA GLY A 162 16.59 -27.84 23.57
C GLY A 162 17.00 -27.16 24.94
N TYR A 163 18.06 -26.38 24.75
CA TYR A 163 18.81 -25.39 25.61
C TYR A 163 19.66 -24.70 24.53
N THR A 164 18.91 -24.56 23.44
CA THR A 164 19.34 -24.01 22.16
C THR A 164 18.85 -22.57 22.05
N PRO A 165 19.64 -21.59 21.60
CA PRO A 165 19.14 -20.25 21.54
C PRO A 165 17.97 -20.26 20.66
N SER A 166 17.03 -19.41 20.94
CA SER A 166 15.89 -19.33 20.06
C SER A 166 16.40 -18.77 18.74
N LEU A 167 15.44 -18.27 18.01
CA LEU A 167 15.63 -17.87 16.62
C LEU A 167 16.81 -18.58 16.05
N GLY A 168 16.65 -19.82 16.35
CA GLY A 168 17.42 -20.93 15.90
C GLY A 168 16.38 -22.00 15.62
N GLU A 169 15.12 -21.56 15.60
CA GLU A 169 13.97 -22.49 15.42
C GLU A 169 13.35 -22.47 14.04
N THR A 170 14.32 -22.16 13.03
CA THR A 170 13.51 -21.90 11.84
C THR A 170 13.97 -22.71 10.64
N ARG A 171 13.31 -22.22 9.63
CA ARG A 171 13.34 -22.56 8.24
C ARG A 171 13.39 -21.20 7.55
N ASN A 172 12.83 -20.24 8.29
CA ASN A 172 12.81 -18.81 7.92
C ASN A 172 14.27 -18.35 7.91
N PRO A 173 14.72 -17.53 6.94
CA PRO A 173 16.15 -17.13 6.83
C PRO A 173 16.72 -16.49 8.10
N HIS A 174 17.71 -17.25 8.50
CA HIS A 174 18.60 -17.26 9.67
C HIS A 174 19.99 -16.60 9.27
N MET A 175 20.64 -15.83 10.18
CA MET A 175 22.02 -15.21 9.95
C MET A 175 22.86 -15.32 11.33
N TRP A 176 23.86 -16.30 11.57
CA TRP A 176 24.66 -16.44 12.94
C TRP A 176 26.20 -16.36 12.71
N LEU A 177 26.77 -15.45 13.48
CA LEU A 177 28.17 -15.06 13.41
C LEU A 177 29.01 -15.77 14.48
N VAL A 178 29.22 -15.03 15.50
CA VAL A 178 30.07 -15.38 16.61
C VAL A 178 31.17 -16.42 16.35
N GLY A 179 32.33 -15.80 16.30
CA GLY A 179 33.67 -16.36 16.18
C GLY A 179 34.61 -15.27 16.70
N ALA A 180 35.89 -15.59 16.77
CA ALA A 180 36.94 -14.67 17.30
C ALA A 180 37.72 -13.98 16.16
N GLY A 181 37.74 -14.72 15.06
CA GLY A 181 38.42 -14.37 13.80
C GLY A 181 37.39 -14.10 12.70
N ASN A 182 36.25 -13.72 13.20
CA ASN A 182 35.17 -13.13 12.41
C ASN A 182 34.57 -12.04 13.37
N SER A 183 33.46 -11.50 13.68
CA SER A 183 32.63 -10.77 14.67
C SER A 183 32.18 -9.32 14.09
N GLN A 184 31.42 -9.30 12.82
CA GLN A 184 30.77 -8.08 11.91
C GLN A 184 29.81 -8.72 10.67
N VAL A 185 28.39 -8.42 10.39
CA VAL A 185 27.48 -9.27 9.31
C VAL A 185 26.65 -8.52 8.13
N SER A 186 26.85 -8.81 6.71
CA SER A 186 26.36 -8.29 5.43
C SER A 186 25.40 -9.30 4.77
N PHE A 187 24.26 -8.77 4.25
CA PHE A 187 23.21 -9.59 3.55
C PHE A 187 22.12 -8.69 2.86
N VAL A 188 21.53 -9.20 1.74
CA VAL A 188 20.42 -8.47 0.98
C VAL A 188 19.13 -9.34 0.88
N VAL A 189 17.99 -8.63 0.97
CA VAL A 189 16.60 -9.18 1.00
C VAL A 189 15.81 -8.73 -0.29
N PRO A 190 14.92 -9.56 -0.91
CA PRO A 190 14.26 -9.22 -2.19
C PRO A 190 13.47 -7.90 -2.13
N TYR A 191 12.18 -8.12 -2.19
CA TYR A 191 11.08 -7.13 -2.04
C TYR A 191 9.86 -8.02 -1.78
N ASN A 192 9.73 -8.42 -0.50
CA ASN A 192 8.66 -9.35 -0.05
C ASN A 192 7.29 -8.65 0.32
N SER A 193 6.83 -7.42 -0.13
CA SER A 193 5.56 -6.74 0.11
C SER A 193 4.65 -6.87 -1.13
N PRO A 194 3.47 -7.54 -1.02
CA PRO A 194 2.58 -7.76 -2.18
C PRO A 194 2.09 -6.48 -2.82
N LEU A 195 2.69 -5.38 -2.47
CA LEU A 195 2.49 -4.01 -2.98
C LEU A 195 3.37 -3.78 -4.20
N SER A 196 2.73 -3.47 -5.30
CA SER A 196 3.43 -3.28 -6.58
C SER A 196 4.33 -2.05 -6.58
N VAL A 197 4.29 -1.33 -5.52
CA VAL A 197 5.10 -0.12 -5.39
C VAL A 197 4.96 0.29 -3.97
N LEU A 198 5.77 1.14 -3.52
CA LEU A 198 5.89 1.25 -2.09
C LEU A 198 6.00 2.70 -1.64
N PRO A 199 5.34 3.09 -0.52
CA PRO A 199 5.38 4.45 -0.05
C PRO A 199 6.72 4.95 0.32
N ALA A 200 6.66 6.25 0.31
CA ALA A 200 7.70 7.17 0.71
C ALA A 200 7.09 8.20 1.70
N ALA A 201 5.71 8.23 1.83
CA ALA A 201 4.98 9.26 2.68
C ALA A 201 3.55 8.88 3.30
N TRP A 202 2.42 9.10 2.58
CA TRP A 202 1.04 8.95 3.20
C TRP A 202 -0.01 8.14 2.46
N PHE A 203 -0.04 6.86 2.63
CA PHE A 203 -1.11 6.12 1.99
C PHE A 203 -2.37 6.46 2.81
N ASN A 204 -3.06 7.46 2.26
CA ASN A 204 -4.33 8.01 2.78
C ASN A 204 -5.36 6.91 2.72
N GLY A 205 -5.06 5.93 3.54
CA GLY A 205 -5.86 4.73 3.73
C GLY A 205 -5.73 4.24 5.17
N TRP A 206 -6.19 2.99 5.76
CA TRP A 206 -6.68 2.29 6.97
C TRP A 206 -6.64 0.75 6.74
N SER A 207 -6.50 -0.03 7.85
CA SER A 207 -6.57 -1.53 7.77
C SER A 207 -7.85 -2.04 8.49
N ASP A 208 -8.76 -1.78 7.57
CA ASP A 208 -10.22 -1.97 7.28
C ASP A 208 -11.31 -1.04 7.84
N PHE A 209 -12.05 -1.20 8.90
CA PHE A 209 -13.17 -0.22 8.87
C PHE A 209 -12.97 1.04 9.60
N GLY A 210 -12.22 1.86 8.98
CA GLY A 210 -11.93 3.11 9.56
C GLY A 210 -11.68 2.80 11.01
N ASN A 211 -11.35 1.54 11.23
CA ASN A 211 -10.90 1.18 12.53
C ASN A 211 -9.86 2.19 12.77
N THR A 212 -10.12 3.13 13.55
CA THR A 212 -9.05 4.00 13.78
C THR A 212 -7.85 3.07 14.02
N LYS A 213 -7.35 2.43 12.96
CA LYS A 213 -6.18 1.52 13.11
C LYS A 213 -5.09 1.82 12.07
N ASP A 214 -4.26 2.76 12.51
CA ASP A 214 -3.06 3.27 11.81
C ASP A 214 -3.38 3.94 10.48
N PHE A 215 -3.68 5.22 10.55
CA PHE A 215 -4.01 5.97 9.32
C PHE A 215 -3.02 7.13 9.14
N GLY A 216 -2.71 6.49 7.92
CA GLY A 216 -1.80 6.95 7.01
C GLY A 216 -0.86 5.80 6.74
N VAL A 217 -0.13 5.45 7.75
CA VAL A 217 0.86 4.40 7.57
C VAL A 217 0.12 3.26 6.78
N ALA A 218 0.70 2.68 5.67
CA ALA A 218 -0.02 1.62 4.84
C ALA A 218 0.48 0.18 5.17
N PRO A 219 -0.40 -0.86 5.02
CA PRO A 219 -0.21 -2.25 5.57
C PRO A 219 1.12 -3.00 5.34
N ASN A 220 1.20 -3.92 4.06
CA ASN A 220 2.37 -4.72 4.42
C ASN A 220 3.64 -4.01 3.91
N ALA A 221 3.60 -2.70 4.05
CA ALA A 221 4.73 -1.81 3.74
C ALA A 221 5.74 -2.04 4.85
N ASP A 222 7.00 -2.17 4.49
CA ASP A 222 7.98 -2.60 5.49
C ASP A 222 8.50 -3.88 4.93
N PHE A 223 9.89 -4.04 4.57
CA PHE A 223 9.84 -5.36 3.93
C PHE A 223 10.70 -6.35 4.69
N GLY A 224 10.20 -6.62 5.86
CA GLY A 224 10.81 -7.51 6.80
C GLY A 224 10.84 -6.85 8.16
N ARG A 225 11.02 -7.58 9.16
CA ARG A 225 11.31 -7.52 10.60
C ARG A 225 12.58 -8.42 10.94
N LEU A 226 13.76 -7.81 11.32
CA LEU A 226 15.02 -8.55 11.77
C LEU A 226 15.06 -8.63 13.32
N TRP A 227 15.08 -9.85 13.86
CA TRP A 227 15.23 -10.06 15.33
C TRP A 227 16.79 -10.38 15.58
N ILE A 228 17.42 -10.07 16.81
CA ILE A 228 18.95 -10.33 17.16
C ILE A 228 19.09 -10.93 18.64
N GLN A 229 20.04 -11.91 18.91
CA GLN A 229 20.20 -12.60 20.29
C GLN A 229 21.62 -12.70 20.98
N GLY A 230 21.81 -11.96 22.09
CA GLY A 230 23.01 -12.01 23.05
C GLY A 230 24.45 -11.67 22.48
N ASN A 231 25.26 -10.95 23.35
CA ASN A 231 26.73 -10.55 23.18
C ASN A 231 26.99 -9.11 22.55
N THR A 232 27.30 -9.06 21.33
CA THR A 232 27.61 -8.02 20.34
C THR A 232 26.33 -7.36 19.86
N SER A 233 26.26 -6.06 19.95
CA SER A 233 25.06 -5.41 19.43
C SER A 233 25.48 -4.60 18.20
N ALA A 234 24.51 -3.97 17.53
CA ALA A 234 24.83 -3.38 16.19
C ALA A 234 24.24 -2.00 15.82
N SER A 235 24.69 -1.55 14.76
CA SER A 235 24.25 -0.53 13.80
C SER A 235 23.67 -1.22 12.58
N VAL A 236 22.41 -1.00 12.34
CA VAL A 236 21.77 -1.58 11.17
C VAL A 236 21.75 -0.55 10.05
N ARG A 237 22.86 -0.51 9.36
CA ARG A 237 22.99 0.39 8.23
C ARG A 237 22.36 -0.33 7.00
N ILE A 238 21.57 0.49 6.04
CA ILE A 238 20.55 -0.06 5.12
C ILE A 238 20.73 0.46 3.65
N ARG A 239 21.27 -0.51 2.47
CA ARG A 239 21.62 0.13 1.18
C ARG A 239 20.73 -0.43 0.04
N TYR A 240 19.84 0.46 -0.38
CA TYR A 240 18.82 0.27 -1.43
C TYR A 240 19.41 0.01 -2.86
N LYS A 241 19.42 -1.26 -3.31
CA LYS A 241 19.92 -1.58 -4.70
C LYS A 241 18.73 -1.78 -5.66
N LYS A 242 18.77 -0.93 -6.68
CA LYS A 242 17.79 -0.85 -7.80
C LYS A 242 16.57 0.06 -7.46
N MET A 243 16.72 1.10 -6.64
CA MET A 243 15.57 2.02 -6.41
C MET A 243 15.23 2.66 -7.76
N LYS A 244 13.99 2.46 -8.10
CA LYS A 244 13.29 3.02 -9.26
C LYS A 244 12.29 3.96 -8.60
N VAL A 245 12.20 5.23 -8.93
CA VAL A 245 11.24 6.09 -8.14
C VAL A 245 10.07 6.56 -9.04
N PHE A 246 8.84 6.37 -8.53
CA PHE A 246 7.57 6.72 -9.25
C PHE A 246 6.89 7.94 -8.61
N CYS A 247 6.47 9.01 -9.68
CA CYS A 247 5.56 10.25 -9.52
C CYS A 247 6.13 11.32 -8.51
N PRO A 248 6.73 12.47 -9.04
CA PRO A 248 7.42 13.52 -8.24
C PRO A 248 6.62 14.26 -7.21
N ARG A 249 7.35 14.66 -6.19
CA ARG A 249 6.78 15.39 -5.09
C ARG A 249 7.84 16.30 -4.41
N PRO A 250 7.38 17.34 -3.67
CA PRO A 250 8.27 18.27 -2.97
C PRO A 250 9.12 17.52 -1.97
N THR A 251 10.11 18.20 -1.40
CA THR A 251 11.05 17.60 -0.41
C THR A 251 10.73 18.24 1.02
N LEU A 252 11.92 18.34 2.22
CA LEU A 252 11.38 18.69 3.56
C LEU A 252 11.86 20.10 3.95
N PHE A 253 10.88 20.82 4.48
CA PHE A 253 10.96 22.24 4.93
C PHE A 253 12.20 22.56 5.79
N PHE A 254 13.18 23.18 5.14
CA PHE A 254 14.39 23.66 5.82
C PHE A 254 14.14 25.11 6.21
N PRO A 255 14.35 25.43 7.48
CA PRO A 255 13.94 26.68 8.02
C PRO A 255 14.48 27.87 7.35
N TRP A 256 13.58 28.79 7.54
CA TRP A 256 13.71 30.15 7.21
C TRP A 256 14.91 30.64 7.94
N PRO A 257 15.98 30.91 7.25
CA PRO A 257 17.17 31.29 7.89
C PRO A 257 16.97 32.47 8.74
N THR A 258 17.92 32.51 9.60
CA THR A 258 18.10 33.55 10.59
C THR A 258 18.03 34.89 9.86
N PRO A 259 19.07 35.73 9.78
CA PRO A 259 18.93 37.02 9.13
C PRO A 259 18.44 36.85 7.73
N THR A 260 20.58 38.48 7.60
CA THR A 260 21.39 38.80 6.42
C THR A 260 20.47 39.17 5.24
N THR A 261 21.12 39.43 4.12
CA THR A 261 20.54 40.23 3.03
C THR A 261 19.21 39.60 2.58
N THR A 262 18.62 40.28 1.61
CA THR A 262 19.10 40.27 0.21
C THR A 262 18.00 40.76 -0.73
N LYS A 263 18.37 41.72 -1.55
CA LYS A 263 17.46 42.37 -2.49
C LYS A 263 16.04 41.78 -2.33
N ILE A 264 15.16 42.32 -3.15
CA ILE A 264 14.85 41.78 -4.48
C ILE A 264 13.64 42.51 -5.08
N ASN A 265 12.80 41.71 -5.72
CA ASN A 265 11.37 42.02 -5.87
C ASN A 265 11.19 43.30 -6.68
N ALA A 266 5.76 49.27 15.82
CA ALA A 266 6.62 50.10 16.68
C ALA A 266 5.79 50.74 17.80
N ASP A 267 4.60 51.15 17.41
CA ASP A 267 3.77 52.05 18.23
C ASP A 267 2.56 52.53 17.42
N ASN A 268 2.78 52.57 16.12
CA ASN A 268 2.45 53.75 15.30
C ASN A 268 1.32 53.41 14.33
N PRO A 269 0.75 54.40 13.61
CA PRO A 269 0.04 53.64 12.61
C PRO A 269 0.84 53.57 11.34
N VAL A 270 0.14 53.88 10.13
CA VAL A 270 0.78 54.88 9.28
C VAL A 270 0.40 54.69 7.80
N PRO A 271 1.32 54.02 7.13
CA PRO A 271 1.39 53.99 5.68
C PRO A 271 0.30 53.35 5.16
N ILE A 272 0.81 52.50 5.77
CA ILE A 272 0.68 51.33 5.95
C ILE A 272 1.87 50.52 5.43
N LEU A 273 2.36 49.63 6.25
CA LEU A 273 3.48 48.77 5.87
C LEU A 273 3.46 47.42 6.46
N GLU A 274 3.80 47.12 5.40
CA GLU A 274 4.38 46.19 4.77
C GLU A 274 3.81 45.56 3.54
N LEU A 275 4.69 46.01 2.69
CA LEU A 275 5.23 45.40 1.54
C LEU A 275 4.47 44.79 0.36
N GLU A 276 5.20 44.60 -0.71
CA GLU A 276 5.45 43.26 -1.28
C GLU A 276 6.34 43.38 -2.52
N ASP B 1 1.67 34.12 -25.78
CA ASP B 1 1.51 33.10 -26.82
C ASP B 1 0.10 32.37 -26.72
N GLN B 2 -0.76 32.87 -27.58
CA GLN B 2 -1.66 31.69 -28.01
C GLN B 2 -2.72 32.33 -28.94
N ASN B 3 -3.67 32.10 -29.50
CA ASN B 3 -4.02 33.00 -30.62
C ASN B 3 -4.51 34.54 -30.50
N THR B 4 -4.23 35.54 -30.84
CA THR B 4 -4.96 36.82 -31.17
C THR B 4 -6.60 37.24 -31.08
N GLU B 5 -6.93 38.39 -30.22
CA GLU B 5 -7.40 38.29 -28.69
C GLU B 5 -7.32 39.49 -27.73
N GLU B 6 -8.10 40.57 -27.16
CA GLU B 6 -8.70 40.40 -25.79
C GLU B 6 -9.22 41.65 -25.04
N MET B 7 -9.52 42.08 -23.93
CA MET B 7 -10.60 42.51 -23.05
C MET B 7 -11.57 41.47 -23.14
N GLU B 8 -11.96 40.81 -24.52
CA GLU B 8 -12.95 39.96 -24.65
C GLU B 8 -12.26 38.58 -24.44
N ASN B 9 -12.05 37.34 -24.36
CA ASN B 9 -11.47 36.00 -24.15
C ASN B 9 -11.31 34.94 -25.47
N LEU B 10 -10.77 35.31 -26.72
CA LEU B 10 -10.81 34.48 -28.13
C LEU B 10 -10.05 33.05 -28.50
N SER B 11 -10.44 32.68 -29.85
CA SER B 11 -10.16 31.51 -30.95
C SER B 11 -9.44 30.16 -30.64
N ASP B 12 -8.18 30.20 -30.40
CA ASP B 12 -7.45 28.97 -30.15
C ASP B 12 -7.37 28.84 -28.60
N ARG B 13 -8.27 29.68 -28.02
CA ARG B 13 -8.51 29.82 -26.55
C ARG B 13 -9.97 29.45 -26.21
N VAL B 14 -10.64 28.90 -27.21
CA VAL B 14 -12.01 28.39 -27.07
C VAL B 14 -11.89 26.89 -27.30
N ALA B 15 -12.23 26.17 -26.27
CA ALA B 15 -12.14 24.70 -26.28
C ALA B 15 -13.42 24.09 -25.77
N SER B 16 -13.64 22.90 -26.26
CA SER B 16 -14.80 22.09 -25.92
C SER B 16 -14.42 20.61 -25.85
N ASP B 17 -14.97 20.00 -24.81
CA ASP B 17 -14.82 18.57 -24.49
C ASP B 17 -16.21 18.00 -24.22
N LYS B 18 -16.57 16.99 -25.04
CA LYS B 18 -17.86 16.26 -24.93
C LYS B 18 -17.59 14.89 -24.38
N ALA B 19 -18.34 14.53 -23.39
CA ALA B 19 -18.17 13.24 -22.77
C ALA B 19 -19.47 12.74 -22.16
N GLY B 20 -19.98 11.72 -22.84
CA GLY B 20 -21.22 11.01 -22.49
C GLY B 20 -22.45 11.70 -23.06
N ASN B 21 -23.04 12.48 -22.20
CA ASN B 21 -24.24 13.25 -22.48
C ASN B 21 -24.18 14.54 -21.64
N SER B 22 -22.94 14.99 -21.52
CA SER B 22 -22.50 16.22 -20.81
C SER B 22 -21.40 16.84 -21.66
N ALA B 23 -21.60 18.07 -22.09
CA ALA B 23 -20.63 18.73 -22.99
C ALA B 23 -20.16 20.09 -22.50
N THR B 24 -18.82 20.25 -22.39
CA THR B 24 -18.23 21.53 -21.92
C THR B 24 -17.67 22.49 -22.93
N ASN B 25 -17.67 23.74 -22.43
CA ASN B 25 -17.17 24.92 -23.16
C ASN B 25 -16.44 25.96 -22.20
N THR B 26 -15.39 26.57 -22.80
CA THR B 26 -14.54 27.68 -22.21
C THR B 26 -14.05 28.55 -23.36
N GLN B 27 -14.16 29.83 -23.18
CA GLN B 27 -13.75 30.79 -24.20
C GLN B 27 -12.49 31.56 -23.77
N SER B 28 -11.78 31.02 -22.77
CA SER B 28 -10.56 31.68 -22.27
C SER B 28 -9.58 30.67 -21.60
N THR B 29 -9.34 29.56 -22.33
CA THR B 29 -8.42 28.45 -21.91
C THR B 29 -6.98 28.78 -22.18
N VAL B 30 -6.11 28.05 -21.54
CA VAL B 30 -4.69 28.22 -21.79
C VAL B 30 -4.07 26.84 -22.09
N GLY B 31 -4.85 25.77 -21.93
CA GLY B 31 -4.31 24.42 -22.23
C GLY B 31 -5.22 23.24 -21.78
N ARG B 32 -4.54 22.35 -21.11
CA ARG B 32 -5.07 21.11 -20.53
C ARG B 32 -3.93 20.15 -20.33
N LEU B 33 -3.54 20.06 -19.12
CA LEU B 33 -2.45 19.23 -18.74
C LEU B 33 -2.83 17.77 -18.61
N CYS B 34 -2.23 17.00 -19.48
CA CYS B 34 -2.35 15.56 -19.42
C CYS B 34 -1.11 15.21 -18.61
N GLY B 35 -1.36 15.25 -17.31
CA GLY B 35 -0.37 15.08 -16.21
C GLY B 35 0.28 13.71 -16.14
N TYR B 36 1.56 13.80 -16.43
CA TYR B 36 2.52 12.69 -16.44
C TYR B 36 2.92 12.46 -17.90
N GLY B 37 1.94 12.31 -18.77
CA GLY B 37 2.24 12.14 -20.19
C GLY B 37 1.44 11.03 -20.85
N LYS B 38 0.70 10.31 -20.03
CA LYS B 38 -0.15 9.20 -20.49
C LYS B 38 -1.48 9.30 -19.76
N SER B 39 -2.47 8.80 -20.43
CA SER B 39 -3.83 8.81 -19.92
C SER B 39 -4.16 7.42 -19.35
N HIS B 40 -5.41 7.04 -19.42
CA HIS B 40 -5.82 5.77 -18.84
C HIS B 40 -6.59 4.93 -19.85
N HIS B 41 -5.95 3.83 -20.12
CA HIS B 41 -6.47 2.82 -20.99
C HIS B 41 -7.31 1.94 -20.16
N GLY B 42 -8.49 1.71 -20.61
CA GLY B 42 -9.36 0.84 -19.88
C GLY B 42 -8.65 -0.52 -19.81
N GLU B 43 -7.34 -0.51 -19.29
CA GLU B 43 -6.61 -1.76 -19.09
C GLU B 43 -7.11 -2.45 -17.81
N HIS B 44 -7.76 -3.54 -18.07
CA HIS B 44 -8.38 -4.42 -17.08
C HIS B 44 -7.33 -4.90 -16.08
N PRO B 45 -7.70 -4.87 -14.82
CA PRO B 45 -6.76 -4.99 -13.70
C PRO B 45 -5.90 -6.22 -13.69
N ALA B 46 -5.67 -7.09 -14.54
CA ALA B 46 -4.67 -8.20 -14.39
C ALA B 46 -4.66 -8.82 -12.97
N SER B 47 -5.13 -8.04 -12.03
CA SER B 47 -5.19 -8.42 -10.60
C SER B 47 -6.32 -9.42 -10.32
N CYS B 48 -7.42 -9.20 -11.02
CA CYS B 48 -8.64 -9.99 -10.86
C CYS B 48 -8.97 -10.88 -12.05
N ALA B 49 -9.72 -11.91 -11.69
CA ALA B 49 -10.25 -12.93 -12.59
C ALA B 49 -11.65 -12.48 -13.01
N ASP B 50 -11.94 -11.28 -12.51
CA ASP B 50 -13.21 -10.58 -12.71
C ASP B 50 -13.24 -9.84 -14.05
N THR B 51 -13.95 -10.40 -15.00
CA THR B 51 -14.11 -9.74 -16.29
C THR B 51 -15.24 -8.70 -16.03
N ALA B 52 -14.75 -7.63 -15.40
CA ALA B 52 -15.53 -6.46 -14.88
C ALA B 52 -16.45 -5.72 -15.85
N THR B 53 -17.17 -4.80 -15.19
CA THR B 53 -18.13 -3.87 -15.79
C THR B 53 -17.31 -2.70 -16.36
N ASP B 54 -17.27 -2.72 -17.68
CA ASP B 54 -16.52 -1.76 -18.53
C ASP B 54 -17.46 -0.79 -19.28
N LYS B 55 -16.74 0.00 -20.07
CA LYS B 55 -17.21 1.07 -21.03
C LYS B 55 -18.63 1.60 -20.85
N VAL B 56 -19.09 1.73 -19.64
CA VAL B 56 -20.42 2.32 -19.39
C VAL B 56 -20.43 3.77 -19.71
N LEU B 57 -21.26 4.14 -20.63
CA LEU B 57 -21.39 5.55 -20.99
C LEU B 57 -21.73 6.37 -19.71
N ALA B 58 -22.96 6.18 -19.31
CA ALA B 58 -23.65 6.81 -18.14
C ALA B 58 -22.72 7.34 -16.98
N ALA B 59 -21.58 6.72 -16.73
CA ALA B 59 -20.69 7.16 -15.59
C ALA B 59 -19.50 8.01 -16.06
N GLU B 60 -19.18 7.80 -17.31
CA GLU B 60 -18.05 8.44 -18.01
C GLU B 60 -18.42 9.82 -18.59
N ARG B 61 -18.96 10.67 -17.69
CA ARG B 61 -19.40 12.07 -18.03
C ARG B 61 -18.80 13.13 -17.05
N TYR B 62 -19.30 14.37 -17.14
CA TYR B 62 -18.80 15.49 -16.30
C TYR B 62 -19.80 15.92 -15.20
N TYR B 63 -19.45 15.52 -13.99
CA TYR B 63 -20.18 15.86 -12.77
C TYR B 63 -19.66 17.25 -12.35
N THR B 64 -20.55 18.19 -12.03
CA THR B 64 -20.12 19.59 -11.65
C THR B 64 -20.67 20.00 -10.27
N ILE B 65 -19.84 20.62 -9.48
CA ILE B 65 -20.27 21.05 -8.14
C ILE B 65 -19.40 22.22 -7.67
N ASP B 66 -19.83 22.85 -6.62
CA ASP B 66 -19.10 23.98 -6.08
C ASP B 66 -18.18 23.55 -4.94
N LEU B 67 -16.94 24.05 -5.01
CA LEU B 67 -15.92 23.82 -3.98
C LEU B 67 -16.09 24.96 -2.93
N ALA B 68 -15.63 26.18 -3.22
CA ALA B 68 -15.81 27.31 -2.23
C ALA B 68 -15.84 28.70 -2.88
N SER B 69 -15.81 29.68 -1.99
CA SER B 69 -15.81 31.11 -2.34
C SER B 69 -14.41 31.69 -2.10
N TRP B 70 -13.91 32.38 -3.10
CA TRP B 70 -12.58 33.03 -3.01
C TRP B 70 -12.81 34.49 -2.66
N THR B 71 -12.08 35.01 -1.69
CA THR B 71 -12.31 36.40 -1.28
C THR B 71 -11.15 37.10 -0.57
N THR B 72 -11.00 38.33 -1.05
CA THR B 72 -10.04 39.36 -0.63
C THR B 72 -9.32 39.06 0.70
N SER B 73 -10.04 38.37 1.55
CA SER B 73 -9.62 38.02 2.94
C SER B 73 -8.46 37.04 3.08
N GLN B 74 -8.49 36.05 2.24
CA GLN B 74 -7.52 34.96 2.29
C GLN B 74 -6.10 35.38 1.88
N GLU B 75 -5.25 34.67 2.68
CA GLU B 75 -3.73 34.66 2.73
C GLU B 75 -3.14 33.55 1.82
N ALA B 76 -1.92 33.76 1.34
CA ALA B 76 -1.26 32.78 0.43
C ALA B 76 -1.06 31.37 1.05
N PHE B 77 -1.11 30.46 0.09
CA PHE B 77 -0.95 29.00 0.24
C PHE B 77 -2.04 28.36 1.11
N SER B 78 -3.12 29.26 1.43
CA SER B 78 -4.31 28.69 2.08
C SER B 78 -4.95 27.75 1.16
N HIS B 79 -5.37 26.67 1.68
CA HIS B 79 -5.72 25.73 0.75
C HIS B 79 -7.16 25.02 0.86
N ILE B 80 -7.61 24.29 -0.24
CA ILE B 80 -8.94 23.52 -0.30
C ILE B 80 -8.77 22.20 -1.07
N ARG B 81 -8.97 21.05 -0.45
CA ARG B 81 -8.68 19.74 -1.04
C ARG B 81 -9.97 18.98 -1.37
N ILE B 82 -9.87 18.28 -2.50
CA ILE B 82 -10.97 17.48 -3.08
C ILE B 82 -10.54 16.05 -3.39
N PRO B 83 -10.66 15.09 -2.47
CA PRO B 83 -10.31 13.72 -2.75
C PRO B 83 -11.23 13.06 -3.74
N LEU B 84 -10.63 12.37 -4.62
CA LEU B 84 -11.32 11.53 -5.57
C LEU B 84 -10.88 10.16 -5.14
N PRO B 85 -11.63 9.04 -5.18
CA PRO B 85 -13.05 8.97 -5.59
C PRO B 85 -14.10 9.60 -4.61
N HIS B 86 -13.88 9.32 -3.36
CA HIS B 86 -14.74 9.66 -2.19
C HIS B 86 -15.56 11.04 -2.24
N VAL B 87 -15.53 11.85 -3.31
CA VAL B 87 -16.43 13.08 -3.29
C VAL B 87 -17.57 12.85 -4.37
N LEU B 88 -17.24 12.07 -5.42
CA LEU B 88 -18.21 11.68 -6.52
C LEU B 88 -19.04 10.42 -6.03
N ALA B 89 -18.63 10.01 -4.82
CA ALA B 89 -19.07 8.81 -3.98
C ALA B 89 -20.58 8.44 -3.89
N GLY B 90 -21.50 9.37 -4.00
CA GLY B 90 -22.93 8.97 -3.88
C GLY B 90 -23.86 10.15 -3.80
N GLU B 91 -24.93 9.99 -4.57
CA GLU B 91 -26.00 10.98 -4.72
C GLU B 91 -25.59 11.97 -5.79
N ASP B 92 -24.66 12.79 -5.36
CA ASP B 92 -24.05 13.85 -6.16
C ASP B 92 -23.12 13.28 -7.24
N GLY B 93 -22.97 11.96 -7.25
CA GLY B 93 -22.02 11.29 -8.18
C GLY B 93 -22.66 10.39 -9.28
N GLY B 94 -23.93 10.62 -9.57
CA GLY B 94 -24.69 9.89 -10.64
C GLY B 94 -24.75 8.34 -10.45
N VAL B 95 -24.59 7.68 -11.62
CA VAL B 95 -24.60 6.21 -11.78
C VAL B 95 -23.21 5.64 -11.46
N PHE B 96 -22.25 6.55 -11.49
CA PHE B 96 -20.83 6.25 -11.19
C PHE B 96 -20.71 5.79 -9.74
N GLY B 97 -21.22 6.64 -8.87
CA GLY B 97 -21.20 6.44 -7.41
C GLY B 97 -21.93 5.15 -7.03
N ALA B 98 -23.09 4.96 -7.63
CA ALA B 98 -23.95 3.79 -7.38
C ALA B 98 -23.19 2.51 -7.72
N THR B 99 -22.83 2.42 -8.96
CA THR B 99 -22.08 1.28 -9.47
C THR B 99 -20.73 1.22 -8.73
N LEU B 100 -20.35 2.38 -8.19
CA LEU B 100 -19.08 2.57 -7.44
C LEU B 100 -19.04 1.80 -6.10
N ARG B 101 -20.14 1.87 -5.36
CA ARG B 101 -20.23 1.19 -4.02
C ARG B 101 -20.98 -0.14 -4.07
N ARG B 102 -21.20 -0.62 -5.27
CA ARG B 102 -21.85 -1.92 -5.49
C ARG B 102 -20.76 -2.87 -5.91
N HIS B 103 -19.62 -2.22 -6.05
CA HIS B 103 -18.37 -2.82 -6.42
C HIS B 103 -17.31 -2.51 -5.36
N TYR B 104 -16.50 -3.52 -5.18
CA TYR B 104 -15.38 -3.57 -4.25
C TYR B 104 -14.24 -2.67 -4.72
N LEU B 105 -13.91 -2.84 -6.01
CA LEU B 105 -12.78 -2.11 -6.65
C LEU B 105 -13.09 -1.36 -7.94
N CYS B 106 -12.31 -0.30 -8.04
CA CYS B 106 -12.29 0.61 -9.17
C CYS B 106 -10.85 0.93 -9.52
N LYS B 107 -10.74 1.42 -10.69
CA LYS B 107 -9.52 1.85 -11.31
C LYS B 107 -9.95 2.80 -12.38
N THR B 108 -9.60 4.03 -12.15
CA THR B 108 -9.96 5.11 -13.04
C THR B 108 -8.86 6.20 -12.97
N GLY B 109 -9.03 7.15 -13.82
CA GLY B 109 -8.17 8.32 -13.96
C GLY B 109 -9.10 9.49 -14.08
N TRP B 110 -8.65 10.65 -13.68
CA TRP B 110 -9.53 11.80 -13.69
C TRP B 110 -9.11 12.93 -14.68
N ARG B 111 -10.17 13.52 -15.22
CA ARG B 111 -10.17 14.69 -16.16
C ARG B 111 -10.98 15.76 -15.40
N VAL B 112 -10.26 16.76 -14.89
CA VAL B 112 -10.85 17.85 -14.06
C VAL B 112 -10.82 19.23 -14.73
N GLN B 113 -11.83 20.02 -14.39
CA GLN B 113 -12.00 21.40 -14.88
C GLN B 113 -12.52 22.31 -13.75
N VAL B 114 -11.68 23.22 -13.30
CA VAL B 114 -12.06 24.19 -12.25
C VAL B 114 -12.16 25.54 -12.94
N GLN B 115 -13.24 26.19 -12.61
CA GLN B 115 -13.62 27.46 -13.20
C GLN B 115 -13.80 28.56 -12.12
N CYS B 116 -13.32 29.74 -12.50
CA CYS B 116 -13.37 30.96 -11.68
C CYS B 116 -13.18 32.17 -12.60
N ASN B 117 -14.30 32.75 -12.98
CA ASN B 117 -14.31 33.92 -13.88
C ASN B 117 -14.47 35.19 -13.04
N ALA B 118 -13.76 36.24 -13.47
CA ALA B 118 -13.69 37.54 -12.75
C ALA B 118 -14.04 38.80 -13.60
N SER B 119 -12.98 39.60 -13.84
CA SER B 119 -13.04 40.90 -14.62
C SER B 119 -11.64 41.59 -14.63
N GLN B 120 -11.26 42.17 -15.71
CA GLN B 120 -9.95 42.71 -16.11
C GLN B 120 -9.49 43.84 -15.18
N PHE B 121 -10.33 44.18 -14.23
CA PHE B 121 -9.94 45.16 -13.19
C PHE B 121 -9.75 44.33 -11.88
N HIS B 122 -9.42 43.03 -12.03
CA HIS B 122 -9.17 42.11 -10.88
C HIS B 122 -7.79 41.47 -11.01
N ALA B 123 -7.15 41.39 -9.86
CA ALA B 123 -5.84 40.80 -9.69
C ALA B 123 -5.96 39.62 -8.74
N GLY B 124 -5.10 38.66 -8.98
CA GLY B 124 -5.03 37.43 -8.20
C GLY B 124 -4.53 36.30 -9.08
N SER B 125 -4.21 35.19 -8.41
CA SER B 125 -3.69 33.97 -9.05
C SER B 125 -3.97 32.73 -8.16
N LEU B 126 -4.75 31.83 -8.77
CA LEU B 126 -5.19 30.54 -8.18
C LEU B 126 -4.38 29.36 -8.75
N LEU B 127 -3.77 28.60 -7.85
CA LEU B 127 -2.96 27.41 -8.22
C LEU B 127 -3.82 26.15 -8.05
N VAL B 128 -3.94 25.40 -9.13
CA VAL B 128 -4.73 24.16 -9.16
C VAL B 128 -3.83 22.99 -9.53
N PHE B 129 -3.77 21.99 -8.65
CA PHE B 129 -2.92 20.81 -8.90
C PHE B 129 -3.41 19.55 -8.16
N MET B 130 -3.28 18.51 -8.95
CA MET B 130 -3.66 17.16 -8.54
C MET B 130 -2.45 16.38 -8.06
N ALA B 131 -2.58 15.89 -6.86
CA ALA B 131 -1.55 15.05 -6.25
C ALA B 131 -2.17 13.78 -5.70
N PRO B 132 -1.67 12.58 -6.01
CA PRO B 132 -2.13 11.41 -5.33
C PRO B 132 -1.92 11.58 -3.82
N GLU B 133 -1.09 10.73 -3.24
CA GLU B 133 -0.97 10.63 -1.76
C GLU B 133 -0.61 11.90 -1.11
N PHE B 134 -1.58 12.35 -0.44
CA PHE B 134 -1.48 13.65 0.03
C PHE B 134 -2.16 13.72 1.40
N TYR B 135 -2.85 14.80 1.71
CA TYR B 135 -3.52 14.85 3.02
C TYR B 135 -4.85 15.52 2.91
N THR B 136 -5.70 15.00 3.73
CA THR B 136 -7.02 15.53 3.96
C THR B 136 -7.14 15.51 5.45
N GLY B 137 -8.28 15.13 5.89
CA GLY B 137 -8.49 14.98 7.31
C GLY B 137 -9.62 15.84 7.80
N LYS B 138 -9.35 17.10 7.85
CA LYS B 138 -10.28 18.04 8.44
C LYS B 138 -10.33 17.78 9.96
N GLY B 139 -9.18 17.44 10.60
CA GLY B 139 -9.25 17.27 12.10
C GLY B 139 -8.06 16.55 12.83
N THR B 140 -7.81 16.54 14.19
CA THR B 140 -7.19 16.01 15.41
C THR B 140 -8.23 15.25 16.20
N LYS B 141 -8.22 13.95 16.11
CA LYS B 141 -9.41 13.19 16.57
C LYS B 141 -9.81 13.21 18.07
N THR B 142 -11.09 12.65 18.26
CA THR B 142 -11.81 12.65 19.58
C THR B 142 -11.61 11.47 20.43
N GLY B 143 -10.94 12.01 21.36
CA GLY B 143 -10.50 11.40 22.47
C GLY B 143 -9.83 10.12 22.12
N THR B 144 -9.90 9.50 20.47
CA THR B 144 -8.87 8.52 20.85
C THR B 144 -8.06 8.12 19.61
N MET B 145 -6.99 8.89 19.59
CA MET B 145 -5.78 8.88 18.75
C MET B 145 -5.81 8.97 17.24
N GLU B 146 -6.69 8.42 16.44
CA GLU B 146 -6.18 8.62 15.12
C GLU B 146 -6.93 8.63 13.70
N PRO B 147 -6.71 9.67 12.69
CA PRO B 147 -6.60 11.18 12.75
C PRO B 147 -7.94 11.80 12.22
N SER B 148 -9.24 12.78 12.38
CA SER B 148 -10.75 13.23 12.15
C SER B 148 -11.59 12.86 10.85
N ASP B 149 -11.45 13.42 9.62
CA ASP B 149 -12.49 13.07 8.59
C ASP B 149 -12.08 12.93 7.11
N PRO B 150 -11.01 12.24 6.66
CA PRO B 150 -10.75 12.15 5.22
C PRO B 150 -11.87 11.41 4.51
N PHE B 151 -12.77 12.16 3.90
CA PHE B 151 -13.86 11.72 3.01
C PHE B 151 -14.70 12.95 2.85
N THR B 152 -14.55 13.77 3.87
CA THR B 152 -15.16 15.06 3.90
C THR B 152 -14.36 15.95 2.99
N MET B 153 -15.11 16.85 2.51
CA MET B 153 -14.74 17.81 1.52
C MET B 153 -14.58 19.14 2.19
N ASP B 154 -13.37 19.45 2.55
CA ASP B 154 -13.08 20.65 3.33
C ASP B 154 -14.12 21.79 3.19
N THR B 155 -15.10 21.73 4.12
CA THR B 155 -16.14 22.77 4.28
C THR B 155 -15.48 24.01 4.90
N GLU B 156 -15.00 24.85 3.99
CA GLU B 156 -14.25 26.10 4.31
C GLU B 156 -12.76 25.87 3.97
N TRP B 157 -11.90 26.87 4.22
CA TRP B 157 -10.44 26.76 3.89
C TRP B 157 -9.53 26.52 5.11
N ARG B 158 -8.40 25.80 4.86
CA ARG B 158 -7.40 25.66 5.95
C ARG B 158 -6.16 26.53 5.69
N SER B 159 -5.65 26.86 6.87
CA SER B 159 -4.55 27.81 7.20
C SER B 159 -3.12 27.29 6.96
N PRO B 160 -2.37 27.99 5.98
CA PRO B 160 -1.01 27.59 5.74
C PRO B 160 -0.24 27.76 6.98
N GLN B 161 0.30 26.69 7.47
CA GLN B 161 1.01 26.80 8.70
C GLN B 161 2.49 26.92 8.47
N GLY B 162 2.93 27.97 9.11
CA GLY B 162 4.30 28.40 9.14
C GLY B 162 5.15 27.19 9.40
N ALA B 163 4.74 26.12 8.81
CA ALA B 163 5.55 24.99 8.94
C ALA B 163 4.87 23.68 8.89
N PRO B 164 5.24 22.96 7.88
CA PRO B 164 4.96 21.61 7.89
C PRO B 164 5.68 21.11 9.11
N THR B 165 5.32 19.92 9.31
CA THR B 165 5.58 19.03 10.41
C THR B 165 4.19 18.49 10.48
N GLY B 166 3.85 18.34 9.19
CA GLY B 166 2.58 17.86 8.61
C GLY B 166 1.66 17.32 9.66
N TYR B 167 0.95 18.30 10.15
CA TYR B 167 -0.07 18.21 11.21
C TYR B 167 -0.13 16.86 11.79
N ARG B 168 0.89 16.68 12.59
CA ARG B 168 1.09 15.48 13.35
C ARG B 168 -0.11 15.32 14.25
N TYR B 169 -0.05 14.61 15.36
CA TYR B 169 -1.35 14.43 15.89
C TYR B 169 -1.59 14.03 17.36
N ASP B 170 -0.71 13.52 18.21
CA ASP B 170 -1.33 13.24 19.54
C ASP B 170 -0.81 14.10 20.72
N SER B 171 -0.91 15.43 20.68
CA SER B 171 -0.30 16.25 21.79
C SER B 171 1.16 15.94 21.78
N ARG B 172 1.92 16.80 21.22
CA ARG B 172 3.32 16.54 21.20
C ARG B 172 4.03 17.76 20.74
N THR B 173 4.92 17.64 19.83
CA THR B 173 5.72 18.79 19.67
C THR B 173 6.86 18.60 18.75
N GLY B 174 7.96 18.64 19.47
CA GLY B 174 9.30 18.53 18.95
C GLY B 174 9.37 17.57 17.78
N PHE B 175 9.60 18.21 16.64
CA PHE B 175 9.83 17.54 15.33
C PHE B 175 8.54 17.54 14.40
N PHE B 176 8.76 16.96 13.17
CA PHE B 176 7.79 16.84 11.97
C PHE B 176 7.11 15.40 11.86
N ALA B 177 6.28 15.14 10.74
CA ALA B 177 5.46 13.84 10.47
C ALA B 177 5.28 13.52 8.95
N THR B 178 5.10 12.23 8.63
CA THR B 178 5.04 11.73 7.22
C THR B 178 3.90 12.34 6.36
N ASN B 179 3.16 13.30 6.88
CA ASN B 179 2.16 13.95 6.01
C ASN B 179 2.67 15.36 5.65
N HIS B 180 4.01 15.48 5.47
CA HIS B 180 4.61 16.78 5.10
C HIS B 180 4.36 17.10 3.64
N GLN B 181 4.46 18.36 3.56
CA GLN B 181 4.26 19.02 2.32
C GLN B 181 4.94 20.34 2.41
N ASN B 182 5.62 20.51 1.30
CA ASN B 182 6.28 21.80 1.06
C ASN B 182 5.56 22.56 -0.06
N GLN B 183 4.53 23.20 0.44
CA GLN B 183 3.69 24.12 -0.31
C GLN B 183 4.60 25.12 -0.92
N TRP B 184 5.86 24.89 -0.71
CA TRP B 184 6.80 25.74 -1.35
C TRP B 184 7.32 24.94 -2.62
N GLN B 185 6.97 23.61 -2.81
CA GLN B 185 7.39 22.78 -4.05
C GLN B 185 6.17 22.17 -4.77
N TRP B 186 5.11 22.53 -4.15
CA TRP B 186 3.75 22.21 -4.48
C TRP B 186 3.44 22.65 -5.98
N THR B 187 4.52 22.67 -6.85
CA THR B 187 4.46 23.00 -8.35
C THR B 187 5.28 21.95 -9.15
N VAL B 188 5.37 20.67 -8.53
CA VAL B 188 6.00 19.39 -9.07
C VAL B 188 4.93 18.38 -9.35
N TYR B 189 3.77 18.78 -8.94
CA TYR B 189 2.55 18.02 -9.11
C TYR B 189 1.96 18.46 -10.43
N PRO B 190 1.28 17.65 -11.25
CA PRO B 190 0.75 18.20 -12.45
C PRO B 190 -0.13 19.29 -12.00
N HIS B 191 0.15 20.45 -12.49
CA HIS B 191 -0.61 21.60 -12.11
C HIS B 191 -0.94 22.44 -13.33
N GLN B 192 -1.50 23.55 -12.99
CA GLN B 192 -1.92 24.59 -13.92
C GLN B 192 -2.41 25.75 -13.07
N ILE B 193 -2.05 26.90 -13.55
CA ILE B 193 -2.37 28.17 -12.93
C ILE B 193 -3.68 28.71 -13.49
N LEU B 194 -4.28 29.52 -12.66
CA LEU B 194 -5.55 30.22 -12.93
C LEU B 194 -5.31 31.68 -12.50
N ASN B 195 -5.00 32.48 -13.53
CA ASN B 195 -4.66 33.94 -13.44
C ASN B 195 -5.80 34.84 -13.99
N LEU B 196 -6.75 35.15 -13.13
CA LEU B 196 -7.93 36.00 -13.47
C LEU B 196 -7.64 36.85 -14.74
N ARG B 197 -6.36 37.12 -14.86
CA ARG B 197 -5.72 37.94 -15.93
C ARG B 197 -5.61 37.24 -17.29
N THR B 198 -5.20 36.03 -17.16
CA THR B 198 -4.94 35.14 -18.28
C THR B 198 -6.03 34.11 -18.47
N ASN B 199 -6.33 33.57 -17.31
CA ASN B 199 -7.22 32.42 -17.08
C ASN B 199 -8.59 32.60 -16.44
N THR B 200 -9.56 31.96 -17.03
CA THR B 200 -10.90 31.93 -16.45
C THR B 200 -11.16 30.48 -16.09
N THR B 201 -10.34 29.65 -16.71
CA THR B 201 -10.42 28.18 -16.60
C THR B 201 -9.03 27.50 -16.45
N VAL B 202 -9.09 26.20 -16.08
CA VAL B 202 -7.91 25.31 -15.91
C VAL B 202 -8.39 23.80 -16.02
N ASP B 203 -7.88 23.07 -17.11
CA ASP B 203 -8.19 21.58 -17.41
C ASP B 203 -6.95 20.67 -17.20
N LEU B 204 -7.19 19.68 -16.38
CA LEU B 204 -6.20 18.69 -15.97
C LEU B 204 -6.68 17.25 -16.14
N GLU B 205 -5.89 16.40 -16.80
CA GLU B 205 -6.27 14.93 -16.88
C GLU B 205 -5.10 14.10 -16.34
N VAL B 206 -5.46 13.17 -15.47
CA VAL B 206 -4.44 12.33 -14.82
C VAL B 206 -4.78 10.82 -14.87
N PRO B 207 -3.79 10.03 -15.27
CA PRO B 207 -3.86 8.57 -15.35
C PRO B 207 -4.01 7.90 -13.98
N TYR B 208 -3.96 6.47 -14.03
CA TYR B 208 -4.04 5.60 -12.85
C TYR B 208 -2.63 5.20 -12.35
N VAL B 209 -2.40 5.47 -11.06
CA VAL B 209 -1.15 5.12 -10.28
C VAL B 209 -1.65 5.02 -8.75
N ASN B 210 -1.81 3.87 -8.10
CA ASN B 210 -1.81 3.44 -6.68
C ASN B 210 -0.70 2.45 -6.49
N VAL B 211 -0.85 1.69 -5.47
CA VAL B 211 0.15 0.74 -5.06
C VAL B 211 -0.20 -0.65 -5.66
N ALA B 212 -1.48 -0.75 -6.03
CA ALA B 212 -2.15 -1.99 -6.54
C ALA B 212 -3.07 -1.64 -7.78
N PRO B 213 -3.11 -2.34 -8.94
CA PRO B 213 -4.07 -1.99 -10.09
C PRO B 213 -5.41 -1.97 -9.87
N SER B 214 -5.66 -1.66 -8.80
CA SER B 214 -6.96 -1.43 -8.55
C SER B 214 -6.95 -1.37 -7.13
N SER B 215 -7.73 -0.44 -6.79
CA SER B 215 -7.73 -0.27 -5.33
C SER B 215 -9.15 -0.37 -4.80
N SER B 216 -9.17 -0.42 -3.49
CA SER B 216 -10.37 -0.52 -2.69
C SER B 216 -10.84 0.96 -2.19
N TRP B 217 -12.07 1.49 -2.59
CA TRP B 217 -12.59 2.93 -2.23
C TRP B 217 -13.25 2.98 -0.93
N THR B 218 -13.08 2.05 -0.13
CA THR B 218 -13.62 2.34 1.13
C THR B 218 -12.45 2.73 2.12
N GLN B 219 -11.21 2.24 2.01
CA GLN B 219 -10.13 2.75 2.95
C GLN B 219 -9.16 3.75 2.16
N HIS B 220 -9.00 3.79 0.91
CA HIS B 220 -7.99 4.76 0.27
C HIS B 220 -8.66 5.82 -0.64
N ALA B 221 -7.87 6.78 -0.97
CA ALA B 221 -8.20 7.89 -1.90
C ALA B 221 -6.85 8.37 -2.45
N ASN B 222 -6.58 7.66 -3.52
CA ASN B 222 -5.38 7.69 -4.37
C ASN B 222 -4.99 9.09 -4.89
N TRP B 223 -5.96 9.95 -5.00
CA TRP B 223 -5.73 11.34 -5.47
C TRP B 223 -6.62 12.35 -4.79
N THR B 224 -6.06 13.26 -4.34
CA THR B 224 -6.73 14.46 -3.83
C THR B 224 -6.42 15.66 -4.75
N LEU B 225 -7.49 16.38 -5.07
CA LEU B 225 -7.45 17.63 -5.91
C LEU B 225 -7.31 18.82 -4.90
N VAL B 226 -6.46 19.83 -5.20
CA VAL B 226 -6.22 20.99 -4.26
C VAL B 226 -6.45 22.39 -4.95
N VAL B 227 -7.59 23.09 -4.61
CA VAL B 227 -7.85 24.49 -5.14
C VAL B 227 -7.54 25.53 -4.06
N ALA B 228 -6.24 25.73 -3.96
CA ALA B 228 -5.60 26.67 -3.01
C ALA B 228 -4.71 27.69 -3.80
N VAL B 229 -5.02 28.91 -3.35
CA VAL B 229 -4.66 30.32 -3.83
C VAL B 229 -3.23 30.89 -3.48
N LEU B 230 -2.49 31.36 -4.54
CA LEU B 230 -1.05 31.85 -4.44
C LEU B 230 -0.80 33.38 -4.67
N SER B 231 -1.83 34.18 -4.76
CA SER B 231 -1.70 35.67 -4.91
C SER B 231 -3.12 36.25 -4.86
N PRO B 232 -3.60 36.69 -3.66
CA PRO B 232 -4.98 37.13 -3.41
C PRO B 232 -5.53 38.24 -4.24
N LEU B 233 -6.83 38.15 -4.10
CA LEU B 233 -7.93 38.83 -4.77
C LEU B 233 -8.20 40.35 -4.48
N GLN B 234 -7.31 41.29 -4.82
CA GLN B 234 -7.59 42.75 -4.55
C GLN B 234 -8.81 43.31 -5.36
N TYR B 235 -9.69 44.11 -4.72
CA TYR B 235 -10.80 44.71 -5.48
C TYR B 235 -11.17 46.04 -4.97
N ALA B 236 -11.11 46.59 -6.08
CA ALA B 236 -11.33 48.04 -6.18
C ALA B 236 -12.83 48.33 -6.19
N THR B 237 -13.10 49.10 -5.20
CA THR B 237 -14.36 49.67 -4.81
C THR B 237 -15.30 49.98 -5.99
N GLY B 238 -16.09 48.98 -6.32
CA GLY B 238 -17.11 49.06 -7.40
C GLY B 238 -17.76 47.69 -7.63
N SER B 239 -16.87 46.71 -7.40
CA SER B 239 -16.59 45.59 -8.32
C SER B 239 -16.88 44.26 -7.59
N SER B 240 -17.38 43.34 -8.40
CA SER B 240 -17.93 42.00 -8.02
C SER B 240 -17.18 41.09 -6.98
N PRO B 241 -16.87 41.49 -5.73
CA PRO B 241 -16.51 40.57 -4.61
C PRO B 241 -17.62 39.76 -4.01
N ASP B 242 -17.37 38.70 -4.64
CA ASP B 242 -17.91 37.43 -4.63
C ASP B 242 -17.20 36.70 -5.76
N VAL B 243 -16.16 36.00 -5.43
CA VAL B 243 -15.46 35.25 -6.45
C VAL B 243 -15.71 33.76 -6.24
N GLN B 244 -16.81 33.35 -6.91
CA GLN B 244 -17.37 31.99 -6.83
C GLN B 244 -16.52 31.00 -7.64
N ILE B 245 -15.91 30.06 -6.94
CA ILE B 245 -15.07 29.01 -7.56
C ILE B 245 -15.86 27.70 -7.68
N THR B 246 -15.92 27.23 -8.92
CA THR B 246 -16.61 25.99 -9.27
C THR B 246 -15.65 25.01 -9.97
N ALA B 247 -15.92 23.75 -9.66
CA ALA B 247 -15.18 22.61 -10.18
C ALA B 247 -16.18 21.60 -10.80
N SER B 248 -15.79 21.09 -11.93
CA SER B 248 -16.54 20.05 -12.67
C SER B 248 -15.48 18.99 -13.08
N LEU B 249 -15.79 17.73 -12.72
CA LEU B 249 -14.90 16.54 -12.96
C LEU B 249 -15.52 15.42 -13.79
N GLN B 250 -14.61 14.58 -14.32
CA GLN B 250 -14.99 13.40 -15.13
C GLN B 250 -14.04 12.21 -14.92
N PRO B 251 -14.55 11.04 -14.43
CA PRO B 251 -13.75 9.83 -14.34
C PRO B 251 -13.47 9.40 -15.74
N VAL B 252 -12.24 9.12 -16.06
CA VAL B 252 -11.95 8.68 -17.43
C VAL B 252 -11.71 7.15 -17.43
N ASN B 253 -12.52 6.55 -18.29
CA ASN B 253 -12.57 5.09 -18.55
C ASN B 253 -12.42 4.24 -17.29
N PRO B 254 -13.25 4.40 -16.26
CA PRO B 254 -13.14 3.55 -15.10
C PRO B 254 -13.44 2.14 -15.44
N VAL B 255 -12.78 1.31 -14.72
CA VAL B 255 -12.91 -0.10 -14.82
C VAL B 255 -13.19 -0.63 -13.43
N PHE B 256 -14.41 -1.09 -13.29
CA PHE B 256 -14.87 -1.68 -12.05
C PHE B 256 -14.94 -3.13 -12.12
N ASN B 257 -14.56 -3.68 -11.06
CA ASN B 257 -14.64 -5.09 -10.89
C ASN B 257 -14.62 -5.34 -9.39
N GLY B 258 -15.05 -6.55 -9.13
CA GLY B 258 -15.23 -7.09 -7.78
C GLY B 258 -16.56 -6.51 -7.25
N LEU B 259 -17.68 -7.08 -7.78
CA LEU B 259 -19.09 -6.63 -7.43
C LEU B 259 -19.69 -7.29 -6.22
N ARG B 260 -20.74 -6.31 -5.34
CA ARG B 260 -21.35 -7.06 -4.23
C ARG B 260 -22.71 -6.34 -3.79
N HIS B 261 -22.88 -5.49 -2.12
CA HIS B 261 -24.30 -5.12 -2.04
C HIS B 261 -24.47 -3.79 -1.28
N GLU B 262 -24.19 -2.70 -1.97
CA GLU B 262 -24.34 -1.30 -1.46
C GLU B 262 -23.70 -1.08 -0.07
N THR B 263 -22.51 -0.52 -0.12
CA THR B 263 -21.72 -0.16 1.07
C THR B 263 -22.61 0.68 2.01
N VAL B 264 -22.38 0.53 3.34
CA VAL B 264 -23.23 1.23 4.38
C VAL B 264 -22.38 2.08 5.50
N ILE B 265 -22.09 3.48 5.23
CA ILE B 265 -21.59 4.68 6.22
C ILE B 265 -20.62 5.85 5.68
N ALA B 266 -20.98 7.10 6.24
CA ALA B 266 -20.40 8.46 5.87
C ALA B 266 -20.31 9.64 6.99
N GLN B 267 -20.88 9.58 8.24
CA GLN B 267 -20.75 10.78 9.21
C GLN B 267 -19.32 11.33 9.21
N SER C 1 52.69 -18.16 -7.13
CA SER C 1 52.68 -16.83 -6.50
C SER C 1 51.27 -16.48 -6.03
N PRO C 2 51.16 -15.99 -4.79
CA PRO C 2 49.89 -15.62 -4.16
C PRO C 2 49.15 -14.48 -4.86
N ILE C 3 47.83 -14.67 -4.98
CA ILE C 3 46.88 -13.67 -5.55
C ILE C 3 46.38 -12.75 -4.41
N PRO C 4 46.64 -11.41 -4.34
CA PRO C 4 46.13 -10.62 -3.22
C PRO C 4 44.62 -10.67 -3.20
N VAL C 5 44.08 -10.77 -1.99
CA VAL C 5 42.61 -10.78 -1.80
C VAL C 5 42.19 -9.82 -0.70
N THR C 6 41.11 -9.15 -1.00
CA THR C 6 40.51 -8.19 -0.08
C THR C 6 39.44 -8.89 0.70
N VAL C 7 39.70 -9.08 1.99
CA VAL C 7 38.67 -9.74 2.73
C VAL C 7 37.57 -8.80 3.15
N ARG C 8 36.40 -9.26 2.77
CA ARG C 8 35.13 -8.58 2.96
C ARG C 8 34.65 -8.72 4.40
N GLU C 9 33.93 -7.74 4.78
CA GLU C 9 33.41 -7.32 6.08
C GLU C 9 32.83 -8.52 6.86
N HIS C 10 31.90 -9.25 6.21
CA HIS C 10 31.23 -10.43 6.85
C HIS C 10 32.26 -11.33 7.53
N LYS C 11 32.99 -12.00 6.68
CA LYS C 11 34.20 -12.83 6.79
C LYS C 11 33.94 -14.04 7.69
N GLY C 12 33.10 -14.08 8.83
CA GLY C 12 33.03 -15.44 9.39
C GLY C 12 31.56 -15.84 9.60
N CYS C 13 30.73 -15.31 8.72
CA CYS C 13 29.27 -15.50 8.77
C CYS C 13 28.79 -16.79 8.10
N PHE C 14 27.80 -17.33 8.77
CA PHE C 14 27.03 -18.49 8.30
C PHE C 14 25.60 -18.08 7.97
N TYR C 15 25.28 -18.22 6.72
CA TYR C 15 23.94 -17.92 6.25
C TYR C 15 23.17 -19.24 6.14
N SER C 16 22.00 -19.23 6.73
CA SER C 16 21.11 -20.40 6.81
C SER C 16 20.60 -20.87 5.42
N THR C 17 20.05 -19.92 4.69
CA THR C 17 19.43 -20.18 3.38
C THR C 17 20.41 -19.88 2.22
N ASN C 18 21.77 -19.90 2.56
CA ASN C 18 22.84 -19.50 1.63
C ASN C 18 22.89 -20.43 0.42
N PRO C 19 22.45 -19.93 -0.70
CA PRO C 19 22.60 -20.61 -1.99
C PRO C 19 24.05 -20.72 -2.51
N ASP C 20 24.74 -21.86 -1.79
CA ASP C 20 26.00 -22.41 -2.33
C ASP C 20 26.49 -23.54 -1.40
N THR C 21 27.07 -24.53 -2.02
CA THR C 21 27.57 -25.80 -1.47
C THR C 21 28.52 -25.53 -0.29
N THR C 22 29.15 -26.64 0.12
CA THR C 22 30.18 -26.65 1.18
C THR C 22 31.07 -27.88 0.92
N VAL C 23 31.96 -28.21 1.85
CA VAL C 23 32.93 -29.29 1.59
C VAL C 23 32.43 -30.70 1.99
N PRO C 24 32.72 -31.68 1.10
CA PRO C 24 32.39 -33.11 1.28
C PRO C 24 33.13 -33.72 2.47
N ILE C 25 33.35 -35.05 2.39
CA ILE C 25 34.16 -35.84 3.40
C ILE C 25 34.28 -37.34 2.98
N TYR C 26 33.15 -37.90 2.56
CA TYR C 26 33.01 -39.31 2.06
C TYR C 26 32.62 -39.23 0.54
N GLY C 27 33.60 -39.39 -0.39
CA GLY C 27 33.32 -39.23 -1.86
C GLY C 27 33.35 -40.57 -2.65
N LYS C 28 33.15 -40.45 -3.98
CA LYS C 28 33.14 -41.60 -4.95
C LYS C 28 32.24 -42.74 -4.40
N THR C 29 31.30 -42.33 -3.57
CA THR C 29 30.35 -43.23 -2.86
C THR C 29 29.01 -43.34 -3.61
N ILE C 30 28.72 -44.34 -4.07
CA ILE C 30 27.54 -44.63 -4.90
C ILE C 30 26.33 -44.93 -4.02
N SER C 31 25.22 -44.37 -4.43
CA SER C 31 23.97 -44.51 -3.69
C SER C 31 23.17 -45.72 -4.17
N THR C 32 22.50 -46.29 -3.19
CA THR C 32 21.60 -47.42 -3.41
C THR C 32 20.51 -46.95 -4.33
N PRO C 33 20.31 -47.59 -5.44
CA PRO C 33 19.36 -47.13 -6.36
C PRO C 33 18.00 -47.23 -5.82
N SER C 34 17.23 -46.58 -6.59
CA SER C 34 15.81 -46.62 -6.56
C SER C 34 15.55 -47.39 -7.83
N ASP C 35 14.68 -46.89 -8.63
CA ASP C 35 14.41 -47.60 -9.88
C ASP C 35 12.92 -47.98 -9.94
N TYR C 36 12.56 -48.75 -8.92
CA TYR C 36 11.24 -49.41 -8.76
C TYR C 36 10.23 -48.68 -7.89
N MET C 37 10.41 -47.43 -7.60
CA MET C 37 9.46 -46.81 -6.68
C MET C 37 8.72 -45.65 -7.29
N CYS C 38 7.71 -45.96 -7.86
CA CYS C 38 6.79 -44.98 -8.46
C CYS C 38 6.15 -44.13 -7.35
N GLY C 39 5.77 -42.93 -7.74
CA GLY C 39 5.05 -42.00 -6.84
C GLY C 39 5.93 -40.86 -6.30
N GLU C 40 6.75 -40.33 -7.10
CA GLU C 40 7.61 -39.19 -6.76
C GLU C 40 6.96 -37.88 -7.22
N PHE C 41 6.68 -37.01 -6.24
CA PHE C 41 6.13 -35.68 -6.56
C PHE C 41 7.21 -34.64 -6.31
N SER C 42 7.44 -33.91 -7.38
CA SER C 42 8.50 -32.89 -7.49
C SER C 42 8.08 -31.53 -6.92
N ASP C 43 6.87 -31.13 -7.22
CA ASP C 43 6.32 -29.85 -6.74
C ASP C 43 5.28 -30.09 -5.67
N LEU C 44 5.21 -29.13 -4.74
CA LEU C 44 4.27 -29.19 -3.61
C LEU C 44 2.86 -28.82 -4.05
N LEU C 45 2.78 -27.77 -4.86
CA LEU C 45 1.50 -27.29 -5.38
C LEU C 45 0.63 -28.48 -5.79
N GLU C 46 1.26 -29.36 -6.57
CA GLU C 46 0.63 -30.58 -7.08
C GLU C 46 0.11 -31.44 -5.92
N LEU C 47 0.05 -30.83 -4.79
CA LEU C 47 -0.38 -31.49 -3.54
C LEU C 47 -1.65 -30.82 -3.00
N CYS C 48 -1.49 -29.69 -2.81
CA CYS C 48 -2.49 -28.78 -2.23
C CYS C 48 -3.55 -28.44 -3.28
N LYS C 49 -3.89 -29.45 -3.98
CA LYS C 49 -4.87 -29.43 -5.06
C LYS C 49 -5.66 -30.75 -5.06
N LEU C 50 -5.84 -31.47 -4.06
CA LEU C 50 -6.38 -32.69 -3.43
C LEU C 50 -7.17 -32.31 -2.17
N PRO C 51 -8.52 -32.31 -2.22
CA PRO C 51 -9.32 -31.92 -1.07
C PRO C 51 -9.02 -32.82 0.04
N THR C 52 -9.10 -32.27 1.21
CA THR C 52 -8.79 -33.05 2.38
C THR C 52 -9.96 -33.04 3.38
N PHE C 53 -10.67 -31.92 3.60
CA PHE C 53 -11.82 -32.00 4.55
C PHE C 53 -11.88 -30.84 5.57
N LEU C 54 -12.80 -29.91 5.34
CA LEU C 54 -13.04 -28.73 6.22
C LEU C 54 -14.04 -29.13 7.35
N GLY C 55 -13.56 -29.21 8.60
CA GLY C 55 -14.40 -29.66 9.77
C GLY C 55 -15.40 -28.56 10.27
N ASN C 56 -16.71 -28.85 10.06
CA ASN C 56 -17.95 -27.99 10.39
C ASN C 56 -18.45 -28.15 11.90
N PRO C 57 -18.31 -27.18 12.90
CA PRO C 57 -18.67 -27.42 14.40
C PRO C 57 -20.17 -27.71 14.89
N ASN C 58 -20.26 -28.31 16.18
CA ASN C 58 -21.52 -28.51 17.06
C ASN C 58 -21.27 -29.05 18.52
N THR C 59 -21.75 -28.08 19.33
CA THR C 59 -21.77 -27.91 20.79
C THR C 59 -21.37 -29.13 21.58
N ASN C 60 -20.11 -28.97 21.73
CA ASN C 60 -19.13 -29.78 22.37
C ASN C 60 -17.81 -29.34 21.77
N ASN C 61 -17.94 -28.47 20.77
CA ASN C 61 -16.79 -28.12 19.96
C ASN C 61 -16.17 -29.46 19.59
N LYS C 62 -16.88 -30.07 18.65
CA LYS C 62 -16.60 -31.40 18.09
C LYS C 62 -16.86 -31.17 16.59
N ARG C 63 -16.01 -30.21 16.17
CA ARG C 63 -16.26 -30.06 14.71
C ARG C 63 -16.32 -31.49 14.09
N TYR C 64 -17.04 -31.49 12.99
CA TYR C 64 -17.15 -32.82 12.30
C TYR C 64 -17.21 -32.55 10.77
N PRO C 65 -17.11 -33.17 9.59
CA PRO C 65 -17.21 -32.90 8.14
C PRO C 65 -18.50 -32.92 7.28
N TYR C 66 -19.43 -32.00 7.53
CA TYR C 66 -20.59 -32.21 6.65
C TYR C 66 -21.27 -30.91 6.66
N PHE C 67 -21.98 -30.26 5.77
CA PHE C 67 -22.63 -29.03 6.02
C PHE C 67 -24.05 -29.22 6.56
N SER C 68 -24.66 -30.40 6.24
CA SER C 68 -25.85 -30.90 6.95
C SER C 68 -27.04 -29.94 6.75
N ALA C 69 -28.22 -30.51 6.39
CA ALA C 69 -29.40 -29.65 6.07
C ALA C 69 -30.81 -30.26 6.21
N THR C 70 -31.78 -29.35 6.14
CA THR C 70 -33.22 -29.71 6.05
C THR C 70 -34.40 -28.90 6.31
N ASN C 71 -35.37 -29.93 5.70
CA ASN C 71 -36.70 -29.61 5.36
C ASN C 71 -36.69 -28.15 5.20
N SER C 72 -36.34 -27.01 6.10
CA SER C 72 -36.60 -25.76 5.37
C SER C 72 -35.91 -24.56 6.06
N VAL C 73 -36.19 -23.40 5.54
CA VAL C 73 -35.61 -22.11 5.96
C VAL C 73 -34.50 -22.06 6.86
N PRO C 74 -33.35 -21.82 6.28
CA PRO C 74 -32.49 -20.92 6.87
C PRO C 74 -32.98 -19.60 6.92
N ALA C 75 -32.24 -19.42 7.54
CA ALA C 75 -31.54 -18.82 8.69
C ALA C 75 -30.73 -17.60 8.26
N THR C 76 -29.50 -17.89 7.92
CA THR C 76 -28.53 -16.96 7.26
C THR C 76 -27.42 -17.86 6.77
N SER C 77 -27.93 -19.03 6.87
CA SER C 77 -27.51 -20.34 6.50
C SER C 77 -26.14 -20.88 6.47
N MET C 78 -26.68 -22.09 6.36
CA MET C 78 -26.18 -23.40 6.38
C MET C 78 -24.84 -23.37 6.91
N VAL C 79 -24.18 -22.36 6.47
CA VAL C 79 -22.82 -22.19 6.86
C VAL C 79 -22.32 -20.83 6.38
N ASP C 80 -21.12 -20.77 6.68
CA ASP C 80 -20.36 -19.63 6.36
C ASP C 80 -18.96 -19.78 6.83
N TYR C 81 -18.10 -19.81 5.87
CA TYR C 81 -16.71 -19.81 6.16
C TYR C 81 -16.06 -18.90 5.25
N GLN C 82 -15.25 -18.16 5.84
CA GLN C 82 -14.56 -17.24 5.10
C GLN C 82 -13.38 -17.84 4.51
N VAL C 83 -13.04 -17.09 3.58
CA VAL C 83 -11.96 -17.27 2.73
C VAL C 83 -10.83 -16.39 3.23
N ALA C 84 -10.09 -16.97 4.12
CA ALA C 84 -8.91 -16.36 4.73
C ALA C 84 -7.96 -17.48 5.03
N LEU C 85 -7.62 -18.08 3.93
CA LEU C 85 -6.71 -19.22 3.86
C LEU C 85 -5.94 -19.49 5.19
N SER C 86 -6.53 -19.07 6.34
CA SER C 86 -5.90 -19.32 7.70
C SER C 86 -7.00 -19.69 8.72
N CYS C 87 -8.25 -19.52 8.21
CA CYS C 87 -9.57 -19.73 8.92
C CYS C 87 -9.50 -20.75 10.04
N SER C 88 -10.62 -21.30 10.37
CA SER C 88 -10.59 -22.33 11.37
C SER C 88 -10.75 -23.59 10.60
N CYS C 89 -11.49 -23.40 9.53
CA CYS C 89 -11.85 -24.43 8.60
C CYS C 89 -10.66 -24.95 7.83
N MET C 90 -10.26 -24.21 6.91
CA MET C 90 -9.22 -24.63 6.06
C MET C 90 -7.96 -25.03 6.79
N ALA C 91 -7.87 -24.96 8.11
CA ALA C 91 -6.53 -25.31 8.70
C ALA C 91 -6.51 -26.53 9.37
N ASN C 92 -5.89 -27.33 8.66
CA ASN C 92 -5.73 -28.63 9.00
C ASN C 92 -5.76 -29.33 7.67
N SER C 93 -6.41 -28.62 6.75
CA SER C 93 -6.54 -29.06 5.35
C SER C 93 -5.15 -29.03 4.71
N MET C 94 -4.94 -29.84 3.68
CA MET C 94 -3.63 -29.81 2.99
C MET C 94 -3.47 -28.36 2.57
N LEU C 95 -4.16 -28.02 1.50
CA LEU C 95 -4.15 -26.63 1.08
C LEU C 95 -4.63 -25.86 2.26
N ALA C 96 -3.73 -25.23 2.85
CA ALA C 96 -3.97 -24.47 4.04
C ALA C 96 -2.89 -24.89 5.01
N ALA C 97 -2.51 -26.15 4.83
CA ALA C 97 -1.46 -26.80 5.61
C ALA C 97 -0.12 -26.59 4.91
N VAL C 98 -0.23 -26.51 3.59
CA VAL C 98 0.90 -26.31 2.67
C VAL C 98 1.08 -24.82 2.41
N ALA C 99 -0.06 -24.20 2.26
CA ALA C 99 -0.18 -22.77 2.00
C ALA C 99 0.48 -21.95 3.12
N ARG C 100 0.76 -22.57 4.16
CA ARG C 100 1.24 -21.96 5.41
C ARG C 100 2.77 -21.94 5.44
N ASN C 101 3.40 -23.00 5.04
CA ASN C 101 4.86 -23.03 5.07
C ASN C 101 5.39 -22.09 3.92
N PHE C 102 4.46 -21.19 3.50
CA PHE C 102 4.67 -20.15 2.42
C PHE C 102 4.03 -18.80 2.85
N ASN C 103 4.77 -17.73 2.55
CA ASN C 103 4.39 -16.33 2.94
C ASN C 103 3.22 -15.70 2.12
N GLN C 104 3.15 -15.97 0.81
CA GLN C 104 2.09 -15.38 -0.08
C GLN C 104 1.35 -16.41 -0.95
N TYR C 105 0.14 -15.99 -1.39
CA TYR C 105 -0.73 -16.81 -2.28
C TYR C 105 -1.49 -15.92 -3.27
N ARG C 106 -1.73 -16.54 -4.41
CA ARG C 106 -2.46 -15.95 -5.54
C ARG C 106 -3.13 -17.05 -6.34
N GLY C 107 -4.17 -16.66 -7.02
CA GLY C 107 -4.92 -17.58 -7.85
C GLY C 107 -6.27 -17.88 -7.23
N SER C 108 -7.00 -18.66 -7.98
CA SER C 108 -8.34 -19.08 -7.63
C SER C 108 -8.35 -20.40 -6.87
N LEU C 109 -9.20 -20.33 -5.87
CA LEU C 109 -9.51 -21.40 -4.91
C LEU C 109 -10.71 -22.19 -5.42
N ASN C 110 -10.83 -23.42 -4.95
CA ASN C 110 -11.99 -24.24 -5.32
C ASN C 110 -12.53 -25.03 -4.13
N PHE C 111 -13.84 -24.90 -3.98
CA PHE C 111 -14.63 -25.60 -2.95
C PHE C 111 -15.54 -26.59 -3.66
N LEU C 112 -15.39 -27.81 -3.28
CA LEU C 112 -16.15 -28.94 -3.83
C LEU C 112 -17.12 -29.46 -2.74
N PHE C 113 -18.41 -29.64 -3.11
CA PHE C 113 -19.47 -30.15 -2.17
C PHE C 113 -20.15 -31.42 -2.70
N VAL C 114 -19.95 -32.50 -1.97
CA VAL C 114 -20.53 -33.81 -2.32
C VAL C 114 -21.76 -34.09 -1.36
N PHE C 115 -22.95 -34.36 -1.96
CA PHE C 115 -24.23 -34.65 -1.17
C PHE C 115 -24.21 -36.15 -0.78
N THR C 116 -24.66 -36.39 0.43
CA THR C 116 -24.63 -37.73 1.05
C THR C 116 -26.02 -38.30 1.38
N GLY C 117 -27.02 -37.52 1.06
CA GLY C 117 -28.42 -37.87 1.35
C GLY C 117 -28.94 -39.00 0.45
N ALA C 118 -30.11 -39.44 0.87
CA ALA C 118 -30.85 -40.49 0.20
C ALA C 118 -31.11 -40.11 -1.25
N ALA C 119 -31.08 -41.12 -2.08
CA ALA C 119 -31.28 -41.00 -3.53
C ALA C 119 -32.73 -40.66 -3.88
N MET C 120 -33.62 -40.90 -2.92
CA MET C 120 -35.06 -40.62 -3.10
C MET C 120 -35.40 -39.22 -2.61
N VAL C 121 -34.33 -38.52 -2.31
CA VAL C 121 -34.37 -37.14 -1.82
C VAL C 121 -34.22 -36.16 -2.98
N LYS C 122 -34.26 -34.88 -2.63
CA LYS C 122 -34.12 -33.79 -3.59
C LYS C 122 -34.03 -32.44 -2.83
N GLY C 123 -33.03 -31.65 -3.23
CA GLY C 123 -32.75 -30.31 -2.64
C GLY C 123 -32.21 -29.36 -3.72
N LYS C 124 -32.04 -28.09 -3.34
CA LYS C 124 -31.54 -27.03 -4.26
C LYS C 124 -30.86 -25.88 -3.49
N PHE C 125 -29.49 -25.78 -3.68
CA PHE C 125 -28.71 -24.82 -2.89
C PHE C 125 -28.13 -23.73 -3.78
N LEU C 126 -28.12 -22.55 -3.16
CA LEU C 126 -27.53 -21.30 -3.69
C LEU C 126 -26.17 -21.19 -3.02
N ILE C 127 -25.18 -20.74 -3.75
CA ILE C 127 -23.82 -20.69 -3.22
C ILE C 127 -23.13 -19.43 -3.68
N ALA C 128 -22.36 -18.83 -2.78
CA ALA C 128 -21.73 -17.55 -3.14
C ALA C 128 -20.48 -17.17 -2.34
N TYR C 129 -19.68 -16.42 -3.11
CA TYR C 129 -18.47 -15.69 -2.65
C TYR C 129 -18.84 -14.23 -2.65
N THR C 130 -18.67 -13.63 -1.51
CA THR C 130 -18.98 -12.23 -1.32
C THR C 130 -17.74 -11.47 -0.86
N PRO C 131 -17.18 -10.63 -1.72
CA PRO C 131 -16.00 -9.86 -1.41
C PRO C 131 -16.19 -8.83 -0.31
N PRO C 132 -15.10 -8.52 0.39
CA PRO C 132 -15.05 -7.47 1.41
C PRO C 132 -15.26 -6.12 0.74
N GLY C 133 -15.98 -5.27 1.47
CA GLY C 133 -16.38 -3.89 1.05
C GLY C 133 -17.47 -3.44 2.02
N ALA C 134 -18.57 -4.20 1.95
CA ALA C 134 -19.74 -4.09 2.86
C ALA C 134 -19.57 -5.21 3.91
N GLY C 135 -20.67 -5.74 4.44
CA GLY C 135 -20.45 -6.70 5.54
C GLY C 135 -20.83 -8.11 5.08
N LYS C 136 -20.65 -8.99 6.11
CA LYS C 136 -21.07 -10.38 5.89
C LYS C 136 -22.56 -10.42 5.67
N PRO C 137 -23.03 -11.05 4.61
CA PRO C 137 -24.42 -11.05 4.32
C PRO C 137 -25.14 -11.57 5.50
N THR C 138 -26.39 -11.24 5.54
CA THR C 138 -27.23 -11.68 6.63
C THR C 138 -28.54 -12.23 6.05
N THR C 139 -28.56 -12.44 4.72
CA THR C 139 -29.75 -13.03 4.02
C THR C 139 -29.43 -13.32 2.52
N ARG C 140 -29.75 -14.55 2.13
CA ARG C 140 -29.56 -15.09 0.77
C ARG C 140 -29.66 -13.97 -0.27
N ASP C 141 -30.76 -13.30 -0.15
CA ASP C 141 -31.11 -12.14 -0.96
C ASP C 141 -29.88 -11.23 -1.10
N GLN C 142 -29.32 -10.93 0.06
CA GLN C 142 -28.14 -10.07 0.24
C GLN C 142 -26.87 -10.74 -0.35
N ALA C 143 -26.90 -12.06 -0.37
CA ALA C 143 -25.77 -12.92 -0.82
C ALA C 143 -25.66 -13.02 -2.36
N MET C 144 -26.77 -13.43 -2.96
CA MET C 144 -26.95 -13.69 -4.41
C MET C 144 -26.24 -12.71 -5.37
N GLN C 145 -26.10 -11.47 -4.94
CA GLN C 145 -25.49 -10.42 -5.77
C GLN C 145 -23.99 -10.61 -5.87
N SER C 146 -23.59 -11.80 -5.51
CA SER C 146 -22.18 -12.18 -5.56
C SER C 146 -22.06 -13.41 -6.44
N THR C 147 -20.83 -13.68 -6.76
CA THR C 147 -20.48 -14.82 -7.57
C THR C 147 -21.04 -16.08 -6.89
N TYR C 148 -21.95 -16.76 -7.59
CA TYR C 148 -22.62 -17.95 -7.03
C TYR C 148 -23.09 -18.93 -8.12
N ALA C 149 -23.67 -20.02 -7.62
CA ALA C 149 -24.19 -21.12 -8.45
C ALA C 149 -25.25 -21.91 -7.69
N ILE C 150 -26.41 -21.94 -8.28
CA ILE C 150 -27.56 -22.69 -7.77
C ILE C 150 -27.29 -24.18 -8.01
N TRP C 151 -27.13 -24.96 -6.96
CA TRP C 151 -26.79 -26.39 -7.06
C TRP C 151 -28.09 -27.23 -7.03
N ASP C 152 -28.30 -27.99 -8.11
CA ASP C 152 -29.47 -28.92 -8.20
C ASP C 152 -29.02 -30.34 -7.87
N LEU C 153 -29.53 -30.76 -6.75
CA LEU C 153 -29.29 -32.07 -6.18
C LEU C 153 -29.96 -33.15 -7.04
N GLY C 154 -29.14 -33.93 -7.73
CA GLY C 154 -29.65 -34.99 -8.60
C GLY C 154 -28.74 -36.21 -8.52
N LEU C 155 -28.68 -36.83 -9.66
CA LEU C 155 -27.88 -38.02 -9.95
C LEU C 155 -26.45 -37.72 -9.55
N ASN C 156 -26.02 -36.71 -10.24
CA ASN C 156 -24.71 -36.12 -10.16
C ASN C 156 -24.49 -35.57 -8.75
N SER C 157 -23.82 -36.42 -7.98
CA SER C 157 -23.51 -36.25 -6.53
C SER C 157 -22.84 -34.93 -6.10
N SER C 158 -21.70 -34.60 -6.70
CA SER C 158 -20.89 -33.42 -6.26
C SER C 158 -20.95 -32.21 -7.23
N PHE C 159 -20.72 -31.04 -6.63
CA PHE C 159 -20.67 -29.72 -7.32
C PHE C 159 -19.28 -29.14 -7.11
N ASN C 160 -18.88 -28.39 -8.09
CA ASN C 160 -17.61 -27.73 -8.03
C ASN C 160 -17.79 -26.26 -8.21
N PHE C 161 -17.32 -25.65 -7.18
CA PHE C 161 -17.32 -24.23 -7.01
C PHE C 161 -15.89 -23.76 -7.01
N THR C 162 -15.82 -22.51 -7.26
CA THR C 162 -14.48 -21.92 -7.15
C THR C 162 -14.61 -20.39 -7.11
N ALA C 163 -14.15 -19.95 -5.93
CA ALA C 163 -14.09 -18.54 -5.49
C ALA C 163 -12.82 -17.92 -6.03
N PRO C 164 -12.97 -16.94 -6.86
CA PRO C 164 -11.84 -16.31 -7.45
C PRO C 164 -11.02 -15.56 -6.49
N PHE C 165 -10.25 -15.04 -7.05
CA PHE C 165 -9.27 -14.05 -6.61
C PHE C 165 -9.66 -12.67 -7.13
N ILE C 166 -10.38 -12.01 -6.27
CA ILE C 166 -10.82 -10.63 -6.44
C ILE C 166 -9.93 -9.83 -5.52
N SER C 167 -8.72 -9.56 -6.00
CA SER C 167 -7.68 -8.94 -5.17
C SER C 167 -6.99 -7.74 -5.81
N PRO C 168 -6.80 -6.66 -5.05
CA PRO C 168 -6.11 -5.49 -5.54
C PRO C 168 -4.71 -5.86 -5.84
N THR C 169 -4.00 -6.03 -4.90
CA THR C 169 -2.67 -6.64 -4.81
C THR C 169 -2.60 -7.88 -5.74
N HIS C 170 -1.50 -8.09 -6.44
CA HIS C 170 -1.37 -9.29 -7.33
C HIS C 170 -1.30 -10.58 -6.48
N TYR C 171 -0.97 -10.36 -5.22
CA TYR C 171 -0.79 -11.41 -4.22
C TYR C 171 -1.40 -11.03 -2.87
N ARG C 172 -1.54 -12.06 -2.08
CA ARG C 172 -2.08 -11.96 -0.72
C ARG C 172 -1.20 -12.79 0.21
N GLN C 173 -1.30 -12.41 1.45
CA GLN C 173 -0.58 -13.03 2.56
C GLN C 173 -1.32 -14.33 2.96
N THR C 174 -0.54 -15.42 3.04
CA THR C 174 -1.05 -16.79 3.36
C THR C 174 -1.75 -16.86 4.75
N SER C 175 -1.66 -15.77 5.50
CA SER C 175 -2.38 -15.61 6.79
C SER C 175 -1.48 -15.80 8.06
N TYR C 176 -1.42 -14.70 8.84
CA TYR C 176 -0.84 -14.43 10.17
C TYR C 176 -1.44 -13.19 10.68
N THR C 177 -2.22 -13.64 11.40
CA THR C 177 -3.32 -12.91 12.03
C THR C 177 -2.85 -12.19 13.32
N SER C 178 -1.97 -11.24 13.07
CA SER C 178 -1.69 -10.08 13.93
C SER C 178 -2.71 -9.29 13.16
N PRO C 179 -3.70 -8.65 13.73
CA PRO C 179 -4.99 -8.46 13.09
C PRO C 179 -5.09 -8.10 11.70
N THR C 180 -6.34 -8.38 11.48
CA THR C 180 -7.07 -8.41 10.29
C THR C 180 -7.15 -7.05 9.62
N ILE C 181 -6.30 -6.83 8.85
CA ILE C 181 -5.37 -5.78 8.41
C ILE C 181 -5.90 -5.08 7.10
N THR C 182 -6.57 -5.74 6.19
CA THR C 182 -7.10 -5.09 4.93
C THR C 182 -6.86 -6.05 3.83
N SER C 183 -5.68 -6.57 3.81
CA SER C 183 -5.45 -7.53 2.79
C SER C 183 -6.59 -8.56 2.75
N VAL C 184 -6.80 -9.33 3.85
CA VAL C 184 -7.68 -10.54 3.73
C VAL C 184 -9.18 -10.39 3.82
N ASP C 185 -9.46 -11.22 2.84
CA ASP C 185 -10.59 -11.32 2.02
C ASP C 185 -11.20 -12.66 1.66
N GLY C 186 -12.50 -12.62 1.93
CA GLY C 186 -13.44 -13.63 1.51
C GLY C 186 -14.45 -14.06 2.56
N TRP C 187 -15.65 -14.33 2.08
CA TRP C 187 -16.60 -15.18 2.79
C TRP C 187 -17.41 -15.89 1.75
N VAL C 188 -17.55 -17.14 2.02
CA VAL C 188 -18.36 -18.01 1.22
C VAL C 188 -19.47 -18.48 2.11
N THR C 189 -20.62 -18.39 1.55
CA THR C 189 -21.85 -18.76 2.22
C THR C 189 -22.61 -19.74 1.32
N VAL C 190 -23.60 -20.32 1.88
CA VAL C 190 -24.45 -21.31 1.20
C VAL C 190 -25.74 -21.52 2.01
N TRP C 191 -26.83 -21.52 1.27
CA TRP C 191 -28.18 -21.69 1.83
C TRP C 191 -29.04 -22.39 0.77
N GLN C 192 -30.14 -22.97 1.19
CA GLN C 192 -31.03 -23.66 0.25
C GLN C 192 -31.96 -22.61 -0.39
N LEU C 193 -32.15 -22.81 -1.68
CA LEU C 193 -32.93 -21.89 -2.52
C LEU C 193 -34.36 -22.43 -2.74
N THR C 194 -34.47 -23.66 -2.35
CA THR C 194 -35.71 -24.45 -2.27
C THR C 194 -35.40 -25.40 -1.14
N PRO C 195 -36.30 -25.86 -0.29
CA PRO C 195 -35.86 -26.77 0.76
C PRO C 195 -35.33 -28.06 0.16
N LEU C 196 -34.81 -28.90 1.04
CA LEU C 196 -34.35 -30.27 0.70
C LEU C 196 -35.55 -31.19 0.99
N THR C 197 -36.16 -31.66 -0.10
CA THR C 197 -37.42 -32.46 -0.10
C THR C 197 -37.17 -33.99 -0.07
N TYR C 198 -38.21 -34.75 0.34
CA TYR C 198 -38.11 -36.23 0.49
C TYR C 198 -39.48 -36.90 0.76
N PRO C 199 -39.83 -37.96 0.01
CA PRO C 199 -41.08 -38.67 0.22
C PRO C 199 -41.11 -39.37 1.54
N SER C 200 -42.12 -40.19 1.62
CA SER C 200 -42.37 -41.06 2.75
C SER C 200 -41.26 -42.11 2.75
N GLY C 201 -40.95 -42.58 3.93
CA GLY C 201 -39.97 -43.65 4.12
C GLY C 201 -38.53 -43.14 4.12
N THR C 202 -38.31 -41.85 4.06
CA THR C 202 -36.94 -41.32 4.09
C THR C 202 -36.86 -40.04 4.92
N PRO C 203 -35.64 -40.13 5.21
CA PRO C 203 -35.14 -39.30 6.29
C PRO C 203 -35.32 -37.92 6.02
N THR C 204 -35.78 -37.40 7.09
CA THR C 204 -35.62 -36.04 7.33
C THR C 204 -34.11 -36.15 7.67
N ASN C 205 -33.37 -35.13 7.65
CA ASN C 205 -31.94 -34.94 7.95
C ASN C 205 -31.08 -35.58 6.86
N SER C 206 -29.96 -34.94 6.65
CA SER C 206 -28.95 -35.39 5.70
C SER C 206 -27.72 -34.50 5.80
N ASP C 207 -26.61 -35.19 5.70
CA ASP C 207 -25.28 -34.59 5.80
C ASP C 207 -24.61 -34.57 4.41
N ILE C 208 -23.95 -33.45 4.10
CA ILE C 208 -23.23 -33.28 2.82
C ILE C 208 -21.76 -32.89 3.15
N LEU C 209 -20.84 -33.69 2.56
CA LEU C 209 -19.35 -33.73 2.83
C LEU C 209 -18.46 -32.64 2.05
N THR C 210 -17.67 -31.60 2.64
CA THR C 210 -16.77 -30.44 2.57
C THR C 210 -15.34 -30.91 2.20
N LEU C 211 -14.71 -30.22 1.20
CA LEU C 211 -13.31 -30.56 0.73
C LEU C 211 -12.64 -29.42 -0.13
N VAL C 212 -11.85 -28.53 0.53
CA VAL C 212 -11.10 -27.38 -0.11
C VAL C 212 -10.01 -27.90 -1.13
N SER C 213 -9.51 -27.03 -2.05
CA SER C 213 -8.42 -27.41 -3.05
C SER C 213 -7.84 -26.15 -3.73
N ALA C 214 -6.67 -26.20 -4.35
CA ALA C 214 -6.16 -24.97 -5.02
C ALA C 214 -6.08 -25.14 -6.59
N GLY C 215 -7.00 -24.76 -7.40
CA GLY C 215 -7.60 -24.75 -8.75
C GLY C 215 -6.54 -25.12 -9.79
N ASP C 216 -6.43 -24.23 -10.74
CA ASP C 216 -5.51 -24.29 -11.91
C ASP C 216 -5.02 -22.89 -12.09
N ASP C 217 -4.76 -22.31 -10.95
CA ASP C 217 -4.53 -20.88 -10.88
C ASP C 217 -3.77 -20.54 -9.59
N PHE C 218 -3.76 -21.51 -8.66
CA PHE C 218 -3.16 -21.36 -7.29
C PHE C 218 -1.63 -21.36 -7.31
N THR C 219 -1.10 -20.35 -6.60
CA THR C 219 0.35 -20.07 -6.48
C THR C 219 0.75 -19.61 -5.04
N LEU C 220 1.66 -20.38 -4.40
CA LEU C 220 2.23 -20.06 -3.04
C LEU C 220 3.74 -19.68 -3.21
N ARG C 221 4.21 -18.53 -2.71
CA ARG C 221 5.66 -18.18 -2.86
C ARG C 221 6.21 -17.36 -1.66
N MET C 222 7.47 -17.68 -1.31
CA MET C 222 8.23 -17.07 -0.18
C MET C 222 8.43 -18.11 0.95
N PRO C 223 9.29 -19.17 0.61
CA PRO C 223 9.16 -19.99 1.84
C PRO C 223 9.54 -19.32 3.14
N ILE C 224 8.84 -19.86 4.15
CA ILE C 224 8.93 -19.48 5.54
C ILE C 224 8.72 -20.76 6.40
N SER C 225 8.25 -20.64 7.56
CA SER C 225 8.03 -21.69 8.55
C SER C 225 7.22 -21.17 9.67
N PRO C 226 5.99 -21.51 9.83
CA PRO C 226 5.26 -20.90 10.84
C PRO C 226 5.61 -21.17 12.27
N THR C 227 4.41 -21.15 12.80
CA THR C 227 3.91 -20.96 14.14
C THR C 227 3.87 -22.06 15.28
N LYS C 228 4.98 -22.68 15.72
CA LYS C 228 5.23 -23.73 16.73
C LYS C 228 3.92 -24.09 17.42
N TRP C 229 3.54 -25.38 17.31
CA TRP C 229 2.26 -25.80 17.89
C TRP C 229 2.33 -26.98 18.92
N VAL C 230 2.37 -28.22 18.54
CA VAL C 230 2.30 -29.23 19.61
C VAL C 230 0.90 -29.43 19.97
N PRO C 231 0.26 -30.13 19.18
CA PRO C 231 -1.06 -30.29 19.36
C PRO C 231 -1.33 -30.81 20.65
N GLN C 232 -2.56 -30.93 20.61
CA GLN C 232 -3.34 -31.41 21.62
C GLN C 232 -2.60 -32.46 22.39
N ASN D 1 24.62 3.36 -19.04
CA ASN D 1 25.70 2.94 -18.14
C ASN D 1 25.11 2.32 -16.88
N GLU D 2 25.94 1.46 -16.41
CA GLU D 2 25.73 0.48 -15.37
C GLU D 2 24.92 0.81 -14.15
N SER D 3 24.30 -0.29 -13.75
CA SER D 3 23.57 -0.31 -12.54
C SER D 3 24.02 0.97 -11.89
N GLY D 4 23.86 1.01 -10.61
CA GLY D 4 24.37 2.11 -9.81
C GLY D 4 25.52 1.52 -9.02
N ASN D 5 26.22 2.35 -8.28
CA ASN D 5 27.33 1.87 -7.45
C ASN D 5 27.30 0.36 -7.43
N GLU D 6 28.02 -0.15 -8.35
CA GLU D 6 28.11 -1.55 -8.58
C GLU D 6 28.96 -1.64 -9.80
N GLY D 7 30.21 -1.89 -9.57
CA GLY D 7 31.14 -1.92 -10.67
C GLY D 7 32.41 -2.67 -10.34
N VAL D 8 32.32 -3.93 -10.63
CA VAL D 8 33.42 -4.88 -10.54
C VAL D 8 33.42 -5.52 -11.94
N ILE D 9 34.49 -6.11 -12.40
CA ILE D 9 34.47 -6.70 -13.77
C ILE D 9 33.80 -8.06 -13.74
N ILE D 10 33.97 -8.70 -12.60
CA ILE D 10 33.30 -9.96 -12.32
C ILE D 10 31.97 -9.61 -11.71
N ASN D 11 30.92 -9.82 -12.47
CA ASN D 11 29.61 -9.47 -11.97
C ASN D 11 28.78 -10.66 -11.63
N ASN D 12 28.64 -10.79 -10.37
CA ASN D 12 27.73 -11.73 -9.82
C ASN D 12 28.17 -13.14 -10.11
N PHE D 13 28.20 -13.77 -9.00
CA PHE D 13 28.58 -15.13 -8.83
C PHE D 13 27.33 -15.96 -8.74
N TYR D 14 26.61 -15.64 -7.73
CA TYR D 14 25.37 -16.31 -7.39
C TYR D 14 24.55 -16.54 -8.71
N SER D 15 23.51 -15.77 -8.90
CA SER D 15 22.62 -15.78 -10.09
C SER D 15 21.58 -14.71 -9.88
N ASN D 16 21.57 -13.75 -10.78
CA ASN D 16 20.63 -12.61 -10.69
C ASN D 16 19.42 -13.04 -9.90
N GLN D 17 18.76 -14.05 -10.41
CA GLN D 17 17.60 -14.60 -9.73
C GLN D 17 17.86 -14.69 -8.25
N TYR D 18 19.12 -14.87 -7.95
CA TYR D 18 19.51 -15.08 -6.56
C TYR D 18 19.96 -13.81 -5.87
N GLN D 19 20.56 -12.86 -6.57
CA GLN D 19 21.01 -11.66 -5.85
C GLN D 19 19.92 -10.58 -5.84
N ASN D 20 19.18 -10.31 -6.85
CA ASN D 20 18.12 -9.33 -6.68
C ASN D 20 16.76 -10.01 -6.97
N SER D 21 15.77 -9.46 -7.68
CA SER D 21 14.42 -10.11 -7.51
C SER D 21 13.56 -10.65 -8.67
N ILE D 22 14.07 -11.45 -9.58
CA ILE D 22 13.21 -11.89 -10.69
C ILE D 22 12.44 -10.59 -11.04
N ASP D 23 11.27 -10.53 -11.62
CA ASP D 23 10.81 -9.15 -11.93
C ASP D 23 9.72 -9.15 -12.98
N LEU D 24 9.12 -9.39 -13.49
CA LEU D 24 7.90 -10.06 -13.87
C LEU D 24 6.87 -9.13 -14.52
N SER D 25 5.95 -9.76 -15.29
CA SER D 25 4.95 -9.03 -16.11
C SER D 25 3.57 -9.70 -16.26
N ALA D 26 2.54 -9.03 -15.73
CA ALA D 26 1.13 -9.47 -15.90
C ALA D 26 0.57 -8.80 -17.17
N LEU D 41 2.31 -36.18 -12.04
CA LEU D 41 1.76 -37.02 -11.03
C LEU D 41 0.31 -37.19 -11.34
N SER D 42 -0.17 -38.28 -10.88
CA SER D 42 -1.53 -38.60 -11.09
C SER D 42 -1.92 -39.82 -10.32
N ASN D 43 -3.11 -39.74 -9.88
CA ASN D 43 -3.81 -40.89 -9.44
C ASN D 43 -4.43 -41.15 -10.83
N LEU D 44 -5.46 -41.88 -11.12
CA LEU D 44 -5.76 -42.06 -12.58
C LEU D 44 -7.10 -42.66 -12.61
N LEU D 45 -8.06 -42.94 -13.79
CA LEU D 45 -9.29 -43.50 -13.26
C LEU D 45 -9.90 -44.53 -14.20
#